data_8SWZ
#
_entry.id   8SWZ
#
_cell.length_a   116.848
_cell.length_b   150.859
_cell.length_c   104.613
_cell.angle_alpha   90.00
_cell.angle_beta   90.00
_cell.angle_gamma   90.00
#
_symmetry.space_group_name_H-M   'C 2 2 21'
#
loop_
_entity.id
_entity.type
_entity.pdbx_description
1 polymer 'Protein mono-ADP-ribosyltransferase PARP4'
2 non-polymer GLYCEROL
3 non-polymer 2-[4-[(2S,3S,4R,5R)-5-(6-aminopurin-9-yl)-3,4-bis(oxidanyl)oxolan-2-yl]carbonylpiperazin-1-yl]-N-(1-oxidanylidene-2,3-dihydroisoindol-4-yl)ethanamide
4 water water
#
_entity_poly.entity_id   1
_entity_poly.type   'polypeptide(L)'
_entity_poly.pdbx_seq_one_letter_code
;SSEQLQALLLEEVMNSSTLSQEVSDLVEMIWAEALGHLEHMLGSGSGSGGSKPNPPSLAKYRALRCKIEHVEQNTEEFLR
VRKEVLQNHHSKSPVDVLQIFRVGRVNETTEFLSKLGNVRPLLHGSPVQNIVGILCRGLLLPKVVEDRGVQRTDVGNLGS
GIYFSDSLSTSIKYSHPGETDGTRLLLICDVALGKCMDLHEKDFSLTEAPPGYDSVHGVSQTASVTTDFEDDEFVVYKTN
QVKMKYIIKFSMPGDQIKD
;
_entity_poly.pdbx_strand_id   A,B,C
#
loop_
_chem_comp.id
_chem_comp.type
_chem_comp.name
_chem_comp.formula
GOL non-polymer GLYCEROL 'C3 H8 O3'
UHB non-polymer 2-[4-[(2S,3S,4R,5R)-5-(6-aminopurin-9-yl)-3,4-bis(oxidanyl)oxolan-2-yl]carbonylpiperazin-1-yl]-N-(1-oxidanylidene-2,3-dihydroisoindol-4-yl)ethanamide 'C24 H27 N9 O6'
#
# COMPACT_ATOMS: atom_id res chain seq x y z
N SER A 2 -45.09 39.15 44.05
CA SER A 2 -45.79 38.69 42.84
C SER A 2 -45.13 37.41 42.35
N GLU A 3 -45.89 36.59 41.63
CA GLU A 3 -45.33 35.36 41.08
C GLU A 3 -44.59 35.60 39.76
N GLN A 4 -44.94 36.66 39.02
CA GLN A 4 -44.19 36.99 37.81
C GLN A 4 -42.71 37.22 38.10
N LEU A 5 -42.39 37.89 39.20
CA LEU A 5 -40.99 38.14 39.52
C LEU A 5 -40.28 36.83 39.83
N GLN A 6 -40.92 35.94 40.59
CA GLN A 6 -40.31 34.65 40.90
C GLN A 6 -39.95 33.87 39.65
N ALA A 7 -40.73 33.98 38.58
CA ALA A 7 -40.41 33.18 37.41
C ALA A 7 -39.21 33.75 36.66
N LEU A 8 -39.06 35.07 36.58
CA LEU A 8 -37.95 35.58 35.81
C LEU A 8 -36.61 35.28 36.50
N LEU A 9 -36.58 35.33 37.84
CA LEU A 9 -35.31 35.02 38.47
C LEU A 9 -34.94 33.56 38.22
N LEU A 10 -35.92 32.69 38.06
CA LEU A 10 -35.61 31.29 37.84
C LEU A 10 -35.12 31.06 36.42
N GLU A 11 -35.63 31.84 35.46
CA GLU A 11 -35.17 31.75 34.08
C GLU A 11 -33.76 32.25 33.92
N GLU A 12 -33.29 33.05 34.87
CA GLU A 12 -31.92 33.49 34.81
C GLU A 12 -31.04 32.35 35.25
N VAL A 13 -31.49 31.63 36.27
CA VAL A 13 -30.83 30.41 36.69
C VAL A 13 -30.83 29.42 35.55
N MET A 14 -31.98 29.23 34.90
CA MET A 14 -32.01 28.26 33.81
C MET A 14 -31.18 28.70 32.61
N ASN A 15 -30.94 30.01 32.47
CA ASN A 15 -30.07 30.48 31.41
C ASN A 15 -28.59 30.24 31.72
N SER A 16 -28.16 30.59 32.94
CA SER A 16 -26.75 30.45 33.27
C SER A 16 -26.31 29.01 33.38
N SER A 17 -27.25 28.10 33.58
CA SER A 17 -26.98 26.69 33.65
C SER A 17 -26.79 26.03 32.31
N THR A 18 -26.97 26.77 31.22
CA THR A 18 -26.76 26.24 29.89
C THR A 18 -25.29 26.04 29.59
N LEU A 19 -24.44 26.34 30.58
CA LEU A 19 -22.99 26.38 30.42
C LEU A 19 -22.39 25.53 31.54
N SER A 20 -21.87 24.36 31.20
CA SER A 20 -21.20 23.54 32.20
C SER A 20 -20.02 24.29 32.78
N GLN A 21 -19.65 23.96 34.02
CA GLN A 21 -18.48 24.58 34.61
C GLN A 21 -17.24 24.32 33.76
N GLU A 22 -17.05 23.07 33.31
CA GLU A 22 -15.87 22.73 32.51
C GLU A 22 -15.81 23.49 31.20
N VAL A 23 -16.98 23.85 30.64
CA VAL A 23 -17.00 24.65 29.42
C VAL A 23 -16.78 26.14 29.73
N SER A 24 -17.35 26.67 30.81
CA SER A 24 -16.99 28.04 31.15
C SER A 24 -15.50 28.18 31.43
N ASP A 25 -14.91 27.23 32.17
CA ASP A 25 -13.49 27.32 32.47
C ASP A 25 -12.64 27.32 31.18
N LEU A 26 -13.01 26.49 30.19
CA LEU A 26 -12.32 26.49 28.91
C LEU A 26 -12.49 27.82 28.18
N VAL A 27 -13.74 28.30 28.05
CA VAL A 27 -13.96 29.58 27.35
C VAL A 27 -13.19 30.71 28.03
N GLU A 28 -13.08 30.68 29.36
CA GLU A 28 -12.22 31.64 30.04
C GLU A 28 -10.79 31.57 29.52
N MET A 29 -10.24 30.34 29.42
CA MET A 29 -8.83 30.16 29.10
C MET A 29 -8.51 30.63 27.69
N ILE A 30 -9.31 30.23 26.72
CA ILE A 30 -9.01 30.60 25.36
C ILE A 30 -9.20 32.10 25.17
N TRP A 31 -10.18 32.68 25.84
CA TRP A 31 -10.31 34.13 25.88
C TRP A 31 -9.15 34.77 26.61
N ALA A 32 -8.80 34.27 27.79
CA ALA A 32 -7.64 34.80 28.48
C ALA A 32 -6.41 34.75 27.57
N GLU A 33 -6.21 33.62 26.90
CA GLU A 33 -5.02 33.45 26.08
C GLU A 33 -4.99 34.48 24.95
N ALA A 34 -6.13 34.80 24.39
CA ALA A 34 -6.11 35.74 23.29
C ALA A 34 -5.90 37.18 23.79
N LEU A 35 -6.53 37.56 24.91
CA LEU A 35 -6.27 38.88 25.51
C LEU A 35 -4.83 39.00 26.00
N GLY A 36 -4.28 37.95 26.59
CA GLY A 36 -2.90 38.02 27.02
C GLY A 36 -1.96 38.23 25.84
N HIS A 37 -2.35 37.73 24.67
CA HIS A 37 -1.49 37.83 23.50
C HIS A 37 -1.50 39.24 22.90
N LEU A 38 -2.65 39.92 22.87
CA LEU A 38 -2.72 41.27 22.35
C LEU A 38 -2.16 42.29 23.34
N GLU A 39 -2.49 42.15 24.64
CA GLU A 39 -1.77 42.91 25.66
C GLU A 39 -0.27 42.85 25.41
N HIS A 40 0.25 41.66 25.10
CA HIS A 40 1.69 41.51 24.98
C HIS A 40 2.27 42.17 23.73
N MET A 41 1.53 42.21 22.63
CA MET A 41 2.07 42.90 21.46
C MET A 41 1.67 44.37 21.38
N LEU A 42 0.88 44.89 22.35
CA LEU A 42 0.49 46.30 22.44
C LEU A 42 0.89 46.98 23.75
N GLY A 43 1.52 46.27 24.66
CA GLY A 43 1.72 46.92 25.96
C GLY A 43 0.77 46.22 26.91
N SER A 44 1.23 45.87 28.09
CA SER A 44 0.47 45.02 28.99
C SER A 44 -0.24 46.02 29.89
N PRO A 53 -15.12 28.12 42.86
CA PRO A 53 -15.42 28.27 41.42
C PRO A 53 -15.43 29.73 40.96
N ASN A 54 -15.95 29.99 39.77
CA ASN A 54 -15.98 31.32 39.17
C ASN A 54 -17.33 31.55 38.50
N PRO A 55 -17.85 32.79 38.51
CA PRO A 55 -19.21 33.05 38.00
C PRO A 55 -19.31 32.76 36.51
N PRO A 56 -20.44 32.13 36.07
CA PRO A 56 -20.57 31.76 34.65
C PRO A 56 -20.35 32.95 33.71
N SER A 57 -19.23 32.92 32.98
CA SER A 57 -18.94 33.89 31.94
C SER A 57 -19.68 33.53 30.65
N LEU A 58 -21.00 33.61 30.75
CA LEU A 58 -21.89 33.27 29.64
C LEU A 58 -21.70 34.21 28.45
N ALA A 59 -21.40 35.48 28.72
CA ALA A 59 -21.24 36.44 27.65
C ALA A 59 -20.15 36.02 26.67
N LYS A 60 -18.99 35.59 27.20
CA LYS A 60 -17.87 35.27 26.30
C LYS A 60 -18.19 34.04 25.45
N TYR A 61 -18.87 33.04 26.03
CA TYR A 61 -19.22 31.85 25.25
C TYR A 61 -20.24 32.14 24.15
N ARG A 62 -21.18 33.05 24.39
CA ARG A 62 -22.19 33.29 23.36
C ARG A 62 -21.57 33.89 22.09
N ALA A 63 -20.49 34.66 22.24
CA ALA A 63 -19.85 35.33 21.12
C ALA A 63 -19.14 34.39 20.17
N LEU A 64 -18.84 33.17 20.63
CA LEU A 64 -18.19 32.22 19.74
C LEU A 64 -19.13 31.66 18.70
N ARG A 65 -20.45 31.83 18.86
CA ARG A 65 -21.43 31.28 17.93
C ARG A 65 -21.07 29.84 17.57
N CYS A 66 -20.80 29.06 18.61
CA CYS A 66 -20.25 27.72 18.48
C CYS A 66 -20.60 26.98 19.76
N LYS A 67 -21.18 25.77 19.64
CA LYS A 67 -21.63 24.98 20.79
C LYS A 67 -20.54 24.03 21.25
N ILE A 68 -20.21 24.10 22.54
CA ILE A 68 -19.12 23.33 23.13
C ILE A 68 -19.69 22.53 24.28
N GLU A 69 -19.68 21.21 24.19
CA GLU A 69 -20.16 20.37 25.28
C GLU A 69 -19.01 19.55 25.84
N HIS A 70 -19.01 19.39 27.16
CA HIS A 70 -18.03 18.54 27.81
C HIS A 70 -18.46 17.10 27.68
N VAL A 71 -17.57 16.23 27.19
CA VAL A 71 -17.81 14.80 27.30
C VAL A 71 -17.11 14.36 28.58
N GLU A 72 -17.88 13.78 29.49
CA GLU A 72 -17.39 13.48 30.82
C GLU A 72 -16.22 12.51 30.73
N GLN A 73 -15.25 12.67 31.64
CA GLN A 73 -13.99 11.95 31.54
C GLN A 73 -14.13 10.44 31.76
N ASN A 74 -15.32 9.95 32.10
CA ASN A 74 -15.55 8.51 32.19
C ASN A 74 -16.51 8.00 31.11
N THR A 75 -17.06 8.89 30.28
CA THR A 75 -18.07 8.48 29.30
C THR A 75 -17.53 7.43 28.35
N GLU A 76 -18.45 6.75 27.68
CA GLU A 76 -18.06 5.85 26.60
C GLU A 76 -17.38 6.62 25.48
N GLU A 77 -17.95 7.79 25.14
CA GLU A 77 -17.41 8.66 24.09
C GLU A 77 -15.99 9.10 24.39
N PHE A 78 -15.69 9.45 25.66
CA PHE A 78 -14.35 9.91 26.02
C PHE A 78 -13.29 8.87 25.71
N LEU A 79 -13.44 7.66 26.24
CA LEU A 79 -12.40 6.66 26.04
C LEU A 79 -12.19 6.31 24.57
N ARG A 80 -13.26 6.34 23.76
CA ARG A 80 -13.14 6.05 22.33
C ARG A 80 -12.34 7.14 21.61
N VAL A 81 -12.71 8.42 21.82
CA VAL A 81 -12.00 9.54 21.20
C VAL A 81 -10.57 9.63 21.71
N ARG A 82 -10.37 9.44 23.01
CA ARG A 82 -9.01 9.45 23.54
C ARG A 82 -8.17 8.36 22.88
N LYS A 83 -8.77 7.21 22.61
CA LYS A 83 -8.04 6.15 21.92
C LYS A 83 -7.60 6.58 20.54
N GLU A 84 -8.47 7.26 19.81
CA GLU A 84 -8.22 7.58 18.41
C GLU A 84 -7.17 8.69 18.26
N VAL A 85 -7.06 9.57 19.24
CA VAL A 85 -6.05 10.62 19.18
C VAL A 85 -4.66 10.03 19.36
N LEU A 86 -4.47 9.24 20.44
CA LEU A 86 -3.21 8.58 20.74
C LEU A 86 -2.92 7.38 19.85
N GLN A 87 -3.84 7.06 18.94
CA GLN A 87 -3.75 5.85 18.13
C GLN A 87 -2.47 5.85 17.30
N ASN A 88 -2.21 6.97 16.62
CA ASN A 88 -0.95 7.09 15.84
C ASN A 88 -0.05 8.08 16.56
N HIS A 89 0.35 7.73 17.80
CA HIS A 89 1.34 8.53 18.54
C HIS A 89 2.63 7.77 18.30
N HIS A 90 3.49 8.28 17.42
CA HIS A 90 4.64 7.49 16.97
C HIS A 90 5.88 7.69 17.82
N SER A 91 6.20 8.94 18.13
CA SER A 91 7.16 9.32 19.14
C SER A 91 6.48 9.05 20.47
N LYS A 92 6.85 8.02 21.22
CA LYS A 92 6.10 7.73 22.45
C LYS A 92 6.72 8.62 23.52
N SER A 93 6.57 9.95 23.41
CA SER A 93 6.90 10.84 24.52
C SER A 93 5.55 11.03 25.19
N PRO A 94 5.45 10.82 26.51
CA PRO A 94 4.14 10.78 27.18
C PRO A 94 3.28 12.01 26.97
N VAL A 95 1.97 11.77 26.80
CA VAL A 95 0.93 12.79 26.68
C VAL A 95 -0.20 12.44 27.63
N ASP A 96 -0.69 13.44 28.34
CA ASP A 96 -1.77 13.31 29.31
C ASP A 96 -3.01 13.99 28.72
N VAL A 97 -3.97 13.22 28.20
CA VAL A 97 -5.18 13.78 27.58
C VAL A 97 -6.15 14.25 28.68
N LEU A 98 -6.22 15.55 28.93
CA LEU A 98 -7.08 16.05 30.02
C LEU A 98 -8.56 16.07 29.66
N GLN A 99 -8.98 16.93 28.77
CA GLN A 99 -10.41 17.09 28.55
C GLN A 99 -10.74 16.99 27.08
N ILE A 100 -11.97 16.61 26.79
CA ILE A 100 -12.46 16.50 25.43
C ILE A 100 -13.81 17.23 25.33
N PHE A 101 -13.99 18.01 24.27
CA PHE A 101 -15.24 18.76 24.07
C PHE A 101 -15.79 18.50 22.68
N ARG A 102 -17.05 18.05 22.61
CA ARG A 102 -17.79 18.08 21.36
C ARG A 102 -17.97 19.53 20.95
N VAL A 103 -17.93 19.79 19.65
CA VAL A 103 -17.94 21.16 19.11
C VAL A 103 -18.85 21.21 17.90
N GLY A 104 -19.55 22.33 17.72
CA GLY A 104 -20.37 22.49 16.53
C GLY A 104 -20.61 23.91 16.07
N ARG A 105 -20.01 24.27 14.95
CA ARG A 105 -20.17 25.62 14.43
C ARG A 105 -21.51 25.78 13.73
N VAL A 106 -22.13 26.95 13.97
CA VAL A 106 -23.48 27.28 13.52
C VAL A 106 -23.78 26.82 12.10
N ASN A 107 -22.88 27.14 11.17
CA ASN A 107 -23.11 26.93 9.75
C ASN A 107 -22.30 25.76 9.21
N GLU A 108 -21.48 25.13 10.05
CA GLU A 108 -20.56 24.13 9.56
C GLU A 108 -21.27 22.85 9.15
N THR A 109 -22.31 22.45 9.88
CA THR A 109 -22.90 21.15 9.62
C THR A 109 -23.71 21.11 8.33
N THR A 110 -24.11 22.26 7.78
CA THR A 110 -24.92 22.32 6.57
C THR A 110 -24.09 22.61 5.30
N GLU A 111 -23.06 23.47 5.40
CA GLU A 111 -22.17 23.78 4.28
C GLU A 111 -21.20 22.64 3.95
N PHE A 112 -21.00 21.70 4.87
CA PHE A 112 -20.03 20.63 4.70
C PHE A 112 -20.30 19.80 3.46
N LEU A 113 -19.26 19.58 2.65
CA LEU A 113 -19.34 18.76 1.44
C LEU A 113 -19.19 17.27 1.76
N SER A 114 -20.10 16.76 2.58
CA SER A 114 -20.05 15.36 3.00
C SER A 114 -20.12 14.41 1.82
N LYS A 115 -20.64 14.90 0.70
CA LYS A 115 -20.93 14.08 -0.47
C LYS A 115 -19.70 13.83 -1.36
N LEU A 116 -18.51 14.26 -0.94
CA LEU A 116 -17.31 13.99 -1.72
C LEU A 116 -16.80 12.57 -1.54
N GLY A 117 -17.07 11.94 -0.41
CA GLY A 117 -16.47 10.66 -0.12
C GLY A 117 -15.15 10.77 0.62
N ASN A 118 -14.66 9.63 1.05
CA ASN A 118 -13.40 9.56 1.74
C ASN A 118 -13.37 10.56 2.89
N VAL A 119 -14.51 10.73 3.56
CA VAL A 119 -14.57 11.58 4.75
C VAL A 119 -13.84 10.85 5.87
N ARG A 120 -12.78 11.44 6.36
CA ARG A 120 -11.92 10.84 7.37
C ARG A 120 -11.73 11.81 8.52
N PRO A 121 -11.64 11.34 9.74
CA PRO A 121 -11.32 12.23 10.86
C PRO A 121 -9.82 12.46 11.07
N LEU A 122 -9.38 13.73 11.11
CA LEU A 122 -7.97 14.09 11.19
C LEU A 122 -7.73 15.13 12.28
N LEU A 123 -6.46 15.42 12.54
CA LEU A 123 -6.04 16.34 13.60
C LEU A 123 -5.47 17.64 13.06
N HIS A 124 -5.93 18.75 13.61
CA HIS A 124 -5.36 20.06 13.31
C HIS A 124 -4.93 20.70 14.61
N GLY A 125 -3.64 20.95 14.75
CA GLY A 125 -3.13 21.63 15.90
C GLY A 125 -3.03 23.11 15.60
N SER A 126 -3.12 23.92 16.65
CA SER A 126 -3.01 25.36 16.53
C SER A 126 -2.66 25.94 17.88
N PRO A 127 -1.89 27.02 17.93
CA PRO A 127 -1.61 27.67 19.21
C PRO A 127 -2.90 28.09 19.86
N VAL A 128 -2.85 28.19 21.19
CA VAL A 128 -4.07 28.37 21.97
C VAL A 128 -4.72 29.71 21.66
N GLN A 129 -3.93 30.72 21.32
CA GLN A 129 -4.54 32.03 21.10
C GLN A 129 -5.40 32.04 19.84
N ASN A 130 -5.23 31.05 18.96
CA ASN A 130 -6.03 31.01 17.76
C ASN A 130 -7.39 30.37 17.96
N ILE A 131 -7.65 29.77 19.11
CA ILE A 131 -8.83 28.93 19.27
C ILE A 131 -10.12 29.76 19.20
N VAL A 132 -10.15 30.92 19.86
CA VAL A 132 -11.31 31.81 19.72
C VAL A 132 -11.56 32.12 18.24
N GLY A 133 -10.51 32.49 17.51
CA GLY A 133 -10.69 32.78 16.10
C GLY A 133 -11.23 31.59 15.32
N ILE A 134 -10.71 30.39 15.60
CA ILE A 134 -11.07 29.20 14.85
C ILE A 134 -12.50 28.79 15.16
N LEU A 135 -12.94 28.93 16.42
CA LEU A 135 -14.29 28.50 16.78
C LEU A 135 -15.36 29.45 16.25
N CYS A 136 -15.04 30.74 16.13
CA CYS A 136 -15.99 31.72 15.62
C CYS A 136 -16.12 31.69 14.09
N ARG A 137 -15.01 31.45 13.36
CA ARG A 137 -15.00 31.55 11.90
C ARG A 137 -14.67 30.25 11.19
N GLY A 138 -14.45 29.16 11.90
CA GLY A 138 -14.04 27.93 11.27
C GLY A 138 -12.58 27.99 10.90
N LEU A 139 -12.10 26.96 10.23
CA LEU A 139 -10.72 26.94 9.77
C LEU A 139 -10.61 27.64 8.43
N LEU A 140 -9.85 28.76 8.38
CA LEU A 140 -9.75 29.63 7.20
C LEU A 140 -8.53 29.30 6.34
N LEU A 141 -8.68 29.54 5.04
CA LEU A 141 -7.56 29.46 4.12
C LEU A 141 -6.56 30.59 4.41
N PRO A 142 -5.26 30.35 4.28
CA PRO A 142 -4.31 31.44 4.42
C PRO A 142 -4.44 32.37 3.22
N LYS A 143 -3.93 33.59 3.36
CA LYS A 143 -4.00 34.61 2.30
C LYS A 143 -2.85 34.41 1.30
N VAL A 144 -3.17 34.25 0.01
CA VAL A 144 -2.11 34.12 -0.99
C VAL A 144 -1.29 35.42 -1.08
N VAL A 145 -0.08 35.29 -1.61
CA VAL A 145 0.86 36.40 -1.74
C VAL A 145 1.18 36.61 -3.21
N GLU A 146 0.86 37.80 -3.72
CA GLU A 146 1.18 38.13 -5.11
C GLU A 146 1.75 39.54 -5.28
N ASP A 147 1.80 40.34 -4.22
CA ASP A 147 2.47 41.64 -4.21
C ASP A 147 3.99 41.50 -4.27
N ARG A 148 4.53 40.30 -4.06
CA ARG A 148 5.98 40.11 -3.95
C ARG A 148 6.30 38.63 -4.16
N GLY A 149 7.59 38.31 -4.07
CA GLY A 149 8.02 36.93 -4.23
C GLY A 149 7.47 36.08 -3.09
N VAL A 150 6.89 34.93 -3.44
CA VAL A 150 6.27 34.00 -2.48
C VAL A 150 7.37 33.30 -1.70
N GLN A 151 7.61 33.76 -0.48
CA GLN A 151 8.68 33.21 0.35
C GLN A 151 8.24 31.87 0.95
N ARG A 152 9.12 31.27 1.75
CA ARG A 152 8.79 30.04 2.46
C ARG A 152 8.10 30.30 3.79
N THR A 153 8.02 31.57 4.21
CA THR A 153 7.40 31.95 5.48
C THR A 153 5.89 32.13 5.37
N ASP A 154 5.34 32.40 4.18
CA ASP A 154 3.89 32.58 4.04
C ASP A 154 3.13 31.29 3.71
N VAL A 155 3.74 30.35 2.97
CA VAL A 155 3.05 29.12 2.63
C VAL A 155 3.59 27.97 3.48
N GLY A 156 2.82 26.89 3.55
CA GLY A 156 3.32 25.63 4.04
C GLY A 156 3.99 24.85 2.92
N ASN A 157 4.36 23.61 3.21
CA ASN A 157 5.03 22.80 2.21
C ASN A 157 4.13 22.39 1.07
N LEU A 158 2.84 22.73 1.12
CA LEU A 158 1.89 22.24 0.07
C LEU A 158 1.18 23.39 -0.66
N GLY A 159 1.12 24.60 -0.08
CA GLY A 159 0.57 25.74 -0.76
C GLY A 159 -0.42 26.31 0.21
N SER A 160 -1.27 27.18 -0.34
CA SER A 160 -2.23 27.93 0.46
C SER A 160 -3.50 27.10 0.68
N GLY A 161 -3.44 26.21 1.67
CA GLY A 161 -4.58 25.39 2.02
C GLY A 161 -4.73 25.13 3.51
N ILE A 162 -5.67 24.28 3.91
CA ILE A 162 -5.89 23.95 5.31
C ILE A 162 -5.26 22.59 5.56
N TYR A 163 -4.41 22.53 6.58
CA TYR A 163 -3.52 21.40 6.81
C TYR A 163 -3.98 20.55 7.98
N PHE A 164 -3.99 19.24 7.78
CA PHE A 164 -4.31 18.28 8.82
C PHE A 164 -3.25 17.19 8.85
N SER A 165 -3.21 16.45 9.96
CA SER A 165 -2.47 15.20 10.01
C SER A 165 -3.31 14.10 10.64
N ASP A 166 -2.87 12.85 10.43
CA ASP A 166 -3.49 11.69 11.04
C ASP A 166 -2.70 11.22 12.25
N SER A 167 -1.72 12.02 12.70
CA SER A 167 -0.78 11.57 13.72
C SER A 167 -0.66 12.63 14.79
N LEU A 168 -0.90 12.24 16.05
CA LEU A 168 -0.74 13.16 17.15
C LEU A 168 0.69 13.65 17.27
N SER A 169 1.65 12.80 16.87
CA SER A 169 3.05 13.18 16.90
C SER A 169 3.34 14.40 16.06
N THR A 170 2.64 14.59 14.94
CA THR A 170 2.90 15.81 14.18
C THR A 170 2.05 16.99 14.64
N SER A 171 0.84 16.75 15.16
CA SER A 171 0.02 17.86 15.62
C SER A 171 0.59 18.50 16.87
N ILE A 172 1.38 17.77 17.66
CA ILE A 172 2.06 18.36 18.81
C ILE A 172 3.10 19.40 18.39
N LYS A 173 3.58 19.36 17.14
CA LYS A 173 4.50 20.36 16.62
C LYS A 173 3.82 21.70 16.38
N TYR A 174 2.49 21.71 16.21
CA TYR A 174 1.73 22.94 15.95
C TYR A 174 0.83 23.34 17.12
N SER A 175 0.61 22.45 18.10
CA SER A 175 -0.23 22.73 19.26
C SER A 175 0.69 23.20 20.38
N HIS A 176 1.06 24.50 20.32
CA HIS A 176 2.01 25.07 21.25
C HIS A 176 1.35 25.39 22.58
N PRO A 177 2.02 25.13 23.70
CA PRO A 177 1.38 25.31 25.00
C PRO A 177 1.12 26.79 25.28
N GLY A 178 -0.06 27.06 25.81
CA GLY A 178 -0.44 28.41 26.11
C GLY A 178 0.24 28.95 27.34
N GLU A 179 0.35 30.28 27.38
CA GLU A 179 0.92 30.97 28.53
C GLU A 179 0.01 30.91 29.76
N THR A 180 -1.28 30.67 29.56
CA THR A 180 -2.25 30.71 30.66
C THR A 180 -2.09 29.53 31.62
N ASP A 181 -2.10 28.29 31.10
CA ASP A 181 -1.97 27.11 31.94
C ASP A 181 -1.01 26.04 31.41
N GLY A 182 -0.44 26.23 30.23
CA GLY A 182 0.57 25.29 29.74
C GLY A 182 -0.07 24.07 29.12
N THR A 183 -1.38 24.13 28.87
CA THR A 183 -2.04 23.02 28.21
C THR A 183 -2.04 23.25 26.72
N ARG A 184 -2.25 22.18 25.98
CA ARG A 184 -2.22 22.24 24.52
C ARG A 184 -3.61 21.89 23.98
N LEU A 185 -3.98 22.51 22.87
CA LEU A 185 -5.25 22.23 22.23
C LEU A 185 -5.02 21.79 20.81
N LEU A 186 -5.82 20.85 20.33
CA LEU A 186 -5.92 20.59 18.90
C LEU A 186 -7.35 20.19 18.60
N LEU A 187 -7.75 20.40 17.35
CA LEU A 187 -9.09 20.06 16.94
C LEU A 187 -9.12 18.69 16.27
N ILE A 188 -10.24 18.00 16.41
CA ILE A 188 -10.52 16.86 15.56
C ILE A 188 -11.59 17.30 14.59
N CYS A 189 -11.33 17.11 13.28
CA CYS A 189 -12.25 17.57 12.24
C CYS A 189 -12.52 16.46 11.25
N ASP A 190 -13.79 16.31 10.85
CA ASP A 190 -14.10 15.54 9.66
C ASP A 190 -13.64 16.32 8.44
N VAL A 191 -12.78 15.70 7.61
CA VAL A 191 -12.25 16.34 6.42
C VAL A 191 -12.70 15.54 5.21
N ALA A 192 -13.41 16.20 4.29
CA ALA A 192 -13.86 15.58 3.05
C ALA A 192 -12.70 15.54 2.07
N LEU A 193 -11.97 14.42 2.07
CA LEU A 193 -10.77 14.27 1.25
C LEU A 193 -11.10 14.15 -0.24
N GLY A 194 -12.12 13.37 -0.59
CA GLY A 194 -12.40 13.15 -2.01
C GLY A 194 -11.33 12.30 -2.66
N LYS A 195 -11.03 12.60 -3.94
CA LYS A 195 -9.89 11.99 -4.60
C LYS A 195 -8.61 12.69 -4.13
N CYS A 196 -7.63 11.92 -3.70
CA CYS A 196 -6.54 12.45 -2.90
C CYS A 196 -5.31 12.07 -3.74
N MET A 197 -4.55 13.06 -4.20
CA MET A 197 -3.34 12.81 -4.97
C MET A 197 -2.23 12.67 -3.94
N ASP A 198 -1.43 11.62 -4.05
CA ASP A 198 -0.25 11.47 -3.19
C ASP A 198 0.93 12.26 -3.77
N LEU A 199 1.61 13.01 -2.94
CA LEU A 199 2.75 13.77 -3.41
C LEU A 199 4.00 13.35 -2.64
N HIS A 200 5.16 13.43 -3.29
CA HIS A 200 6.44 13.13 -2.67
C HIS A 200 7.39 14.33 -2.65
N GLU A 201 7.02 15.39 -3.36
CA GLU A 201 7.88 16.60 -3.41
C GLU A 201 7.05 17.83 -3.07
N LYS A 202 7.64 18.82 -2.40
CA LYS A 202 6.91 20.04 -2.08
C LYS A 202 6.35 20.71 -3.34
N ASP A 203 5.30 21.53 -3.15
CA ASP A 203 4.73 22.40 -4.21
C ASP A 203 4.22 23.51 -3.28
N PHE A 204 4.74 24.73 -3.48
CA PHE A 204 4.40 25.89 -2.65
C PHE A 204 3.42 26.70 -3.47
N SER A 205 3.23 26.41 -4.75
CA SER A 205 2.39 27.22 -5.62
C SER A 205 0.93 26.76 -5.66
N LEU A 206 0.54 25.84 -4.79
CA LEU A 206 -0.79 25.23 -4.89
C LEU A 206 -1.82 26.15 -4.28
N THR A 207 -2.73 26.67 -5.11
CA THR A 207 -3.89 27.40 -4.64
C THR A 207 -5.13 26.52 -4.61
N GLU A 208 -5.08 25.37 -5.27
CA GLU A 208 -6.18 24.43 -5.29
C GLU A 208 -5.65 23.02 -5.54
N ALA A 209 -6.51 22.03 -5.38
CA ALA A 209 -6.11 20.67 -5.64
C ALA A 209 -5.80 20.52 -7.13
N PRO A 210 -4.87 19.64 -7.49
CA PRO A 210 -4.52 19.45 -8.91
C PRO A 210 -5.77 19.07 -9.70
N PRO A 211 -5.75 19.16 -11.03
CA PRO A 211 -6.96 18.86 -11.79
C PRO A 211 -7.42 17.42 -11.57
N GLY A 212 -8.73 17.24 -11.36
CA GLY A 212 -9.31 15.94 -11.10
C GLY A 212 -9.26 15.41 -9.69
N TYR A 213 -8.70 16.15 -8.74
CA TYR A 213 -8.58 15.69 -7.37
C TYR A 213 -9.18 16.72 -6.41
N ASP A 214 -9.56 16.29 -5.20
CA ASP A 214 -10.20 17.19 -4.24
C ASP A 214 -9.32 17.61 -3.08
N SER A 215 -8.21 16.92 -2.87
CA SER A 215 -7.28 17.19 -1.79
C SER A 215 -5.98 16.52 -2.17
N VAL A 216 -4.96 16.80 -1.38
CA VAL A 216 -3.60 16.38 -1.68
C VAL A 216 -2.99 15.87 -0.37
N HIS A 217 -2.10 14.89 -0.48
CA HIS A 217 -1.52 14.20 0.67
C HIS A 217 0.00 14.12 0.52
N GLY A 218 0.75 14.86 1.34
CA GLY A 218 2.19 14.71 1.34
C GLY A 218 2.62 13.49 2.15
N VAL A 219 3.37 12.59 1.54
CA VAL A 219 3.67 11.26 2.07
C VAL A 219 4.97 11.32 2.87
N SER A 220 4.94 10.81 4.08
CA SER A 220 6.10 10.94 4.94
C SER A 220 7.23 10.05 4.49
N GLN A 221 8.44 10.56 4.63
CA GLN A 221 9.63 9.84 4.24
C GLN A 221 9.78 8.54 5.02
N THR A 222 10.22 7.48 4.34
CA THR A 222 10.63 6.25 4.99
C THR A 222 12.00 5.80 4.48
N ALA A 223 12.53 4.75 5.10
CA ALA A 223 13.82 4.25 4.67
C ALA A 223 13.74 3.71 3.25
N SER A 224 12.59 3.16 2.86
CA SER A 224 12.46 2.71 1.48
C SER A 224 12.19 3.87 0.54
N VAL A 225 11.21 4.71 0.87
CA VAL A 225 10.74 5.78 -0.02
C VAL A 225 11.03 7.12 0.63
N THR A 226 11.97 7.86 0.07
CA THR A 226 12.29 9.17 0.59
C THR A 226 11.47 10.18 -0.17
N THR A 227 10.90 11.12 0.55
CA THR A 227 10.06 12.16 0.02
C THR A 227 10.57 13.47 0.60
N ASP A 228 9.81 14.55 0.43
CA ASP A 228 10.14 15.84 0.99
C ASP A 228 9.41 16.08 2.30
N PHE A 229 8.78 15.07 2.87
CA PHE A 229 7.90 15.28 4.01
C PHE A 229 8.37 14.51 5.22
N GLU A 230 8.64 15.21 6.30
CA GLU A 230 8.93 14.52 7.54
C GLU A 230 7.65 13.92 8.10
N ASP A 231 6.51 14.53 7.85
CA ASP A 231 5.25 14.07 8.42
C ASP A 231 4.19 13.87 7.34
N ASP A 232 3.17 13.09 7.65
CA ASP A 232 2.02 12.98 6.77
C ASP A 232 1.21 14.27 6.84
N GLU A 233 0.98 14.91 5.71
CA GLU A 233 0.25 16.16 5.67
C GLU A 233 -0.93 15.98 4.72
N PHE A 234 -2.10 16.39 5.16
CA PHE A 234 -3.31 16.33 4.34
C PHE A 234 -3.79 17.76 4.18
N VAL A 235 -3.98 18.20 2.94
CA VAL A 235 -4.36 19.59 2.67
C VAL A 235 -5.62 19.62 1.82
N VAL A 236 -6.59 20.45 2.21
CA VAL A 236 -7.74 20.75 1.36
C VAL A 236 -7.78 22.24 1.09
N TYR A 237 -8.50 22.60 0.03
CA TYR A 237 -8.41 23.96 -0.46
C TYR A 237 -9.75 24.69 -0.53
N LYS A 238 -10.84 24.07 -0.06
CA LYS A 238 -12.13 24.73 0.10
C LYS A 238 -12.56 24.55 1.55
N THR A 239 -12.99 25.64 2.21
CA THR A 239 -13.17 25.55 3.65
C THR A 239 -14.30 24.61 4.03
N ASN A 240 -15.26 24.41 3.15
CA ASN A 240 -16.40 23.55 3.46
C ASN A 240 -16.08 22.08 3.20
N GLN A 241 -14.80 21.73 3.18
CA GLN A 241 -14.37 20.36 3.33
C GLN A 241 -13.90 20.07 4.73
N VAL A 242 -14.32 20.88 5.70
CA VAL A 242 -13.91 20.71 7.09
C VAL A 242 -15.12 20.87 7.98
N LYS A 243 -15.31 19.92 8.88
CA LYS A 243 -16.34 20.00 9.91
C LYS A 243 -15.64 19.72 11.21
N MET A 244 -15.59 20.71 12.10
CA MET A 244 -14.94 20.49 13.39
C MET A 244 -15.80 19.58 14.24
N LYS A 245 -15.18 18.71 15.04
CA LYS A 245 -15.99 17.74 15.83
C LYS A 245 -15.62 17.74 17.31
N TYR A 246 -14.36 18.05 17.66
CA TYR A 246 -13.94 17.93 19.05
C TYR A 246 -12.78 18.88 19.30
N ILE A 247 -12.70 19.39 20.51
CA ILE A 247 -11.48 20.04 21.00
C ILE A 247 -10.83 19.08 21.99
N ILE A 248 -9.52 18.97 21.89
CA ILE A 248 -8.78 18.08 22.78
C ILE A 248 -7.84 18.93 23.60
N LYS A 249 -7.98 18.86 24.93
CA LYS A 249 -7.06 19.52 25.85
C LYS A 249 -6.09 18.47 26.39
N PHE A 250 -4.80 18.72 26.20
CA PHE A 250 -3.82 17.72 26.54
C PHE A 250 -2.57 18.46 26.99
N SER A 251 -1.64 17.70 27.55
CA SER A 251 -0.44 18.29 28.12
C SER A 251 0.71 17.31 28.01
N MET A 252 1.89 17.86 27.83
CA MET A 252 3.08 17.06 27.67
C MET A 252 3.79 17.07 29.01
N PRO A 253 4.01 15.92 29.67
CA PRO A 253 4.82 15.94 30.90
C PRO A 253 6.23 16.47 30.66
N GLY A 254 6.81 16.25 29.48
CA GLY A 254 8.16 16.74 29.28
C GLY A 254 8.18 18.23 28.99
N ASP A 255 7.22 18.96 29.53
CA ASP A 255 7.16 20.42 29.42
C ASP A 255 7.67 21.11 30.67
N GLN A 256 7.52 20.47 31.83
CA GLN A 256 7.78 21.08 33.13
C GLN A 256 9.28 21.15 33.41
N ILE A 257 9.61 21.57 34.64
CA ILE A 257 10.98 21.73 35.16
C ILE A 257 11.97 22.17 34.09
N SER B 2 17.21 -27.86 -17.02
CA SER B 2 17.06 -29.31 -17.13
C SER B 2 15.65 -29.65 -17.57
N GLU B 3 14.72 -29.00 -16.89
CA GLU B 3 13.30 -29.16 -17.16
C GLU B 3 12.85 -28.29 -18.33
N GLN B 4 13.64 -27.25 -18.67
CA GLN B 4 13.39 -26.46 -19.87
C GLN B 4 13.37 -27.34 -21.12
N LEU B 5 14.24 -28.37 -21.15
CA LEU B 5 14.37 -29.27 -22.30
C LEU B 5 13.12 -30.11 -22.56
N GLN B 6 12.58 -30.74 -21.52
CA GLN B 6 11.44 -31.64 -21.63
C GLN B 6 10.21 -30.96 -22.24
N ALA B 7 10.13 -29.63 -22.23
CA ALA B 7 8.96 -28.94 -22.78
C ALA B 7 8.96 -28.91 -24.31
N LEU B 8 10.12 -28.70 -24.96
CA LEU B 8 10.13 -28.59 -26.42
C LEU B 8 9.76 -29.90 -27.10
N LEU B 9 10.00 -31.03 -26.43
CA LEU B 9 9.65 -32.34 -26.96
C LEU B 9 8.14 -32.48 -27.20
N LEU B 10 7.33 -31.64 -26.54
CA LEU B 10 5.88 -31.79 -26.62
C LEU B 10 5.36 -31.47 -28.01
N GLU B 11 5.89 -30.44 -28.65
CA GLU B 11 5.44 -30.09 -29.98
C GLU B 11 5.90 -31.08 -31.06
N GLU B 12 6.94 -31.88 -30.81
CA GLU B 12 7.45 -32.89 -31.73
C GLU B 12 6.76 -34.27 -31.66
N VAL B 13 6.62 -34.83 -30.45
CA VAL B 13 6.00 -36.14 -30.26
C VAL B 13 4.50 -36.12 -30.53
N MET B 14 3.79 -35.20 -29.87
CA MET B 14 2.34 -35.14 -29.98
C MET B 14 1.94 -34.85 -31.41
N ASN B 15 2.79 -34.08 -32.10
CA ASN B 15 2.67 -33.74 -33.51
C ASN B 15 1.50 -32.81 -33.82
N SER B 16 0.93 -32.14 -32.80
CA SER B 16 -0.10 -31.14 -33.07
C SER B 16 0.76 -29.89 -33.25
N SER B 17 1.59 -29.90 -34.31
CA SER B 17 2.25 -28.69 -34.76
C SER B 17 1.56 -28.47 -36.08
N THR B 18 0.36 -29.03 -36.17
CA THR B 18 -0.56 -28.86 -37.28
C THR B 18 -1.48 -27.71 -36.87
N LEU B 19 -0.87 -26.53 -36.88
CA LEU B 19 -1.54 -25.31 -36.47
C LEU B 19 -2.89 -25.22 -37.16
N SER B 20 -3.85 -24.52 -36.57
CA SER B 20 -5.10 -24.35 -37.29
C SER B 20 -4.85 -23.50 -38.54
N GLN B 21 -5.65 -23.73 -39.58
CA GLN B 21 -5.53 -22.92 -40.78
C GLN B 21 -5.66 -21.45 -40.40
N GLU B 22 -6.59 -21.14 -39.50
CA GLU B 22 -6.79 -19.77 -39.06
C GLU B 22 -5.54 -19.18 -38.41
N VAL B 23 -4.73 -20.01 -37.76
CA VAL B 23 -3.46 -19.54 -37.20
C VAL B 23 -2.39 -19.44 -38.28
N SER B 24 -2.29 -20.47 -39.14
CA SER B 24 -1.36 -20.43 -40.27
C SER B 24 -1.72 -19.29 -41.22
N ASP B 25 -3.01 -19.11 -41.50
CA ASP B 25 -3.42 -18.01 -42.35
C ASP B 25 -3.06 -16.67 -41.71
N LEU B 26 -3.23 -16.54 -40.39
CA LEU B 26 -2.85 -15.30 -39.72
C LEU B 26 -1.36 -15.06 -39.80
N VAL B 27 -0.56 -16.05 -39.41
CA VAL B 27 0.90 -15.91 -39.42
C VAL B 27 1.40 -15.52 -40.79
N GLU B 28 0.81 -16.11 -41.84
CA GLU B 28 1.15 -15.71 -43.20
C GLU B 28 0.85 -14.23 -43.41
N MET B 29 -0.30 -13.79 -42.93
CA MET B 29 -0.71 -12.42 -43.21
C MET B 29 0.22 -11.42 -42.56
N ILE B 30 0.58 -11.63 -41.29
CA ILE B 30 1.36 -10.61 -40.59
C ILE B 30 2.81 -10.59 -41.08
N TRP B 31 3.38 -11.76 -41.38
CA TRP B 31 4.74 -11.76 -41.90
C TRP B 31 4.83 -11.07 -43.25
N ALA B 32 3.88 -11.39 -44.13
CA ALA B 32 3.79 -10.71 -45.41
C ALA B 32 3.70 -9.19 -45.25
N GLU B 33 2.79 -8.72 -44.40
CA GLU B 33 2.55 -7.28 -44.29
C GLU B 33 3.80 -6.55 -43.85
N ALA B 34 4.59 -7.14 -42.95
CA ALA B 34 5.74 -6.44 -42.39
C ALA B 34 6.93 -6.45 -43.34
N LEU B 35 7.22 -7.60 -43.96
CA LEU B 35 8.24 -7.61 -45.00
C LEU B 35 7.83 -6.75 -46.18
N GLY B 36 6.55 -6.82 -46.57
CA GLY B 36 6.07 -5.98 -47.67
C GLY B 36 6.21 -4.50 -47.35
N HIS B 37 6.10 -4.14 -46.07
CA HIS B 37 6.31 -2.76 -45.67
C HIS B 37 7.79 -2.42 -45.70
N LEU B 38 8.65 -3.36 -45.30
CA LEU B 38 10.09 -3.11 -45.34
C LEU B 38 10.57 -3.08 -46.78
N GLU B 39 10.13 -4.04 -47.59
CA GLU B 39 10.33 -3.95 -49.03
C GLU B 39 9.94 -2.58 -49.56
N HIS B 40 8.77 -2.08 -49.14
CA HIS B 40 8.32 -0.82 -49.68
C HIS B 40 9.14 0.34 -49.16
N MET B 41 9.77 0.20 -48.00
CA MET B 41 10.61 1.30 -47.54
C MET B 41 11.97 1.30 -48.20
N LEU B 42 12.22 0.38 -49.11
CA LEU B 42 13.50 0.30 -49.81
C LEU B 42 13.35 0.26 -51.33
N PRO B 55 3.34 -27.23 -43.42
CA PRO B 55 3.89 -26.28 -44.39
C PRO B 55 4.94 -25.38 -43.73
N PRO B 56 5.73 -24.61 -44.51
CA PRO B 56 6.70 -23.67 -43.93
C PRO B 56 6.00 -22.73 -42.94
N SER B 57 4.66 -22.65 -42.99
CA SER B 57 3.93 -21.84 -41.98
C SER B 57 4.57 -22.04 -40.62
N LEU B 58 4.92 -23.29 -40.30
CA LEU B 58 5.60 -23.57 -39.01
C LEU B 58 6.82 -22.66 -38.88
N ALA B 59 7.76 -22.75 -39.82
CA ALA B 59 8.91 -21.87 -39.74
C ALA B 59 8.48 -20.47 -39.32
N LYS B 60 7.44 -19.94 -39.96
CA LYS B 60 7.01 -18.59 -39.64
C LYS B 60 6.35 -18.51 -38.26
N TYR B 61 5.57 -19.53 -37.89
CA TYR B 61 4.94 -19.50 -36.57
C TYR B 61 5.96 -19.62 -35.44
N ARG B 62 6.93 -20.54 -35.57
CA ARG B 62 7.90 -20.69 -34.49
C ARG B 62 8.82 -19.46 -34.36
N ALA B 63 9.01 -18.70 -35.44
CA ALA B 63 9.85 -17.51 -35.34
C ALA B 63 9.20 -16.43 -34.50
N LEU B 64 7.89 -16.51 -34.27
CA LEU B 64 7.21 -15.56 -33.40
C LEU B 64 7.51 -15.79 -31.91
N ARG B 65 8.14 -16.90 -31.56
CA ARG B 65 8.45 -17.21 -30.17
C ARG B 65 7.24 -16.98 -29.27
N CYS B 66 6.09 -17.43 -29.76
CA CYS B 66 4.82 -17.02 -29.20
C CYS B 66 3.77 -18.09 -29.52
N LYS B 67 2.95 -18.44 -28.54
CA LYS B 67 1.89 -19.42 -28.73
C LYS B 67 0.58 -18.74 -29.16
N ILE B 68 0.03 -19.15 -30.30
CA ILE B 68 -1.21 -18.57 -30.84
C ILE B 68 -2.21 -19.70 -31.11
N GLU B 69 -3.35 -19.68 -30.41
CA GLU B 69 -4.46 -20.61 -30.64
C GLU B 69 -5.70 -19.85 -31.10
N HIS B 70 -6.43 -20.42 -32.07
CA HIS B 70 -7.66 -19.81 -32.54
C HIS B 70 -8.83 -20.15 -31.61
N VAL B 71 -9.61 -19.14 -31.24
CA VAL B 71 -10.83 -19.32 -30.45
C VAL B 71 -11.99 -19.47 -31.39
N GLU B 72 -12.71 -20.59 -31.26
CA GLU B 72 -13.80 -20.96 -32.14
C GLU B 72 -14.92 -19.93 -32.08
N GLN B 73 -15.57 -19.70 -33.23
CA GLN B 73 -16.51 -18.60 -33.33
C GLN B 73 -17.80 -18.83 -32.56
N ASN B 74 -18.02 -20.03 -32.04
CA ASN B 74 -19.26 -20.33 -31.33
C ASN B 74 -19.09 -20.58 -29.84
N THR B 75 -17.86 -20.71 -29.35
CA THR B 75 -17.63 -21.06 -27.96
C THR B 75 -18.11 -19.96 -27.04
N GLU B 76 -18.28 -20.32 -25.77
CA GLU B 76 -18.57 -19.31 -24.78
C GLU B 76 -17.43 -18.32 -24.67
N GLU B 77 -16.19 -18.81 -24.80
CA GLU B 77 -15.05 -17.90 -24.79
C GLU B 77 -15.17 -16.83 -25.86
N PHE B 78 -15.56 -17.22 -27.07
CA PHE B 78 -15.65 -16.23 -28.15
C PHE B 78 -16.65 -15.14 -27.83
N LEU B 79 -17.88 -15.52 -27.50
CA LEU B 79 -18.91 -14.52 -27.31
C LEU B 79 -18.58 -13.59 -26.16
N ARG B 80 -17.90 -14.10 -25.14
CA ARG B 80 -17.50 -13.30 -23.99
C ARG B 80 -16.47 -12.26 -24.40
N VAL B 81 -15.43 -12.70 -25.10
CA VAL B 81 -14.37 -11.79 -25.52
C VAL B 81 -14.93 -10.75 -26.49
N ARG B 82 -15.70 -11.19 -27.48
CA ARG B 82 -16.31 -10.24 -28.40
C ARG B 82 -17.21 -9.25 -27.67
N LYS B 83 -17.94 -9.72 -26.66
CA LYS B 83 -18.87 -8.83 -25.96
C LYS B 83 -18.13 -7.73 -25.20
N GLU B 84 -16.95 -8.03 -24.66
CA GLU B 84 -16.17 -7.06 -23.88
C GLU B 84 -15.50 -6.00 -24.74
N VAL B 85 -15.22 -6.32 -26.00
CA VAL B 85 -14.60 -5.36 -26.91
C VAL B 85 -15.60 -4.28 -27.35
N LEU B 86 -16.79 -4.69 -27.81
CA LEU B 86 -17.87 -3.82 -28.28
C LEU B 86 -18.56 -3.08 -27.16
N GLN B 87 -18.12 -3.31 -25.92
CA GLN B 87 -18.75 -2.78 -24.72
C GLN B 87 -18.75 -1.27 -24.71
N ASN B 88 -17.57 -0.68 -24.87
CA ASN B 88 -17.46 0.81 -24.87
C ASN B 88 -17.36 1.34 -26.29
N HIS B 89 -17.93 0.63 -27.28
CA HIS B 89 -17.95 1.17 -28.66
C HIS B 89 -18.90 2.37 -28.70
N HIS B 90 -18.35 3.58 -28.67
CA HIS B 90 -19.22 4.79 -28.61
C HIS B 90 -19.80 5.11 -29.98
N SER B 91 -18.95 5.35 -30.98
CA SER B 91 -19.45 5.72 -32.33
C SER B 91 -20.66 4.82 -32.59
N LYS B 92 -20.60 3.58 -32.13
CA LYS B 92 -21.60 2.56 -32.48
C LYS B 92 -21.72 2.53 -34.00
N SER B 93 -20.59 2.72 -34.71
CA SER B 93 -20.53 2.44 -36.13
C SER B 93 -20.18 0.96 -36.16
N PRO B 94 -21.00 0.12 -36.77
CA PRO B 94 -20.81 -1.33 -36.63
C PRO B 94 -19.42 -1.80 -37.06
N VAL B 95 -18.90 -2.74 -36.30
CA VAL B 95 -17.61 -3.36 -36.53
C VAL B 95 -17.82 -4.85 -36.56
N ASP B 96 -17.17 -5.52 -37.48
CA ASP B 96 -17.34 -6.95 -37.65
C ASP B 96 -16.10 -7.62 -37.05
N VAL B 97 -16.26 -8.21 -35.87
CA VAL B 97 -15.17 -8.95 -35.25
C VAL B 97 -14.99 -10.26 -36.00
N LEU B 98 -13.97 -10.34 -36.85
CA LEU B 98 -13.79 -11.53 -37.69
C LEU B 98 -13.29 -12.72 -36.88
N GLN B 99 -12.07 -12.64 -36.33
CA GLN B 99 -11.49 -13.76 -35.64
C GLN B 99 -10.90 -13.33 -34.30
N ILE B 100 -10.82 -14.28 -33.37
CA ILE B 100 -10.21 -14.05 -32.06
C ILE B 100 -9.18 -15.14 -31.81
N PHE B 101 -8.00 -14.75 -31.37
CA PHE B 101 -6.91 -15.68 -31.11
C PHE B 101 -6.44 -15.49 -29.68
N ARG B 102 -6.42 -16.57 -28.92
CA ARG B 102 -5.67 -16.53 -27.68
C ARG B 102 -4.19 -16.43 -28.02
N VAL B 103 -3.47 -15.58 -27.31
CA VAL B 103 -2.03 -15.39 -27.55
C VAL B 103 -1.34 -15.24 -26.22
N GLY B 104 -0.17 -15.86 -26.09
CA GLY B 104 0.57 -15.73 -24.86
C GLY B 104 2.05 -15.85 -25.12
N ARG B 105 2.81 -14.78 -24.94
CA ARG B 105 4.23 -14.90 -25.17
C ARG B 105 4.80 -15.77 -24.10
N VAL B 106 5.59 -16.75 -24.53
CA VAL B 106 6.07 -17.85 -23.70
C VAL B 106 6.45 -17.29 -22.34
N ASN B 107 7.13 -16.16 -22.35
CA ASN B 107 7.76 -15.61 -21.17
C ASN B 107 7.13 -14.34 -20.63
N GLU B 108 6.04 -13.88 -21.22
CA GLU B 108 5.40 -12.67 -20.71
C GLU B 108 4.64 -12.93 -19.42
N THR B 109 4.00 -14.11 -19.32
CA THR B 109 3.02 -14.36 -18.27
C THR B 109 3.64 -14.52 -16.87
N THR B 110 4.96 -14.73 -16.75
CA THR B 110 5.59 -14.90 -15.45
C THR B 110 6.28 -13.64 -14.92
N GLU B 111 6.88 -12.82 -15.78
CA GLU B 111 7.43 -11.57 -15.25
C GLU B 111 6.33 -10.58 -14.91
N PHE B 112 5.12 -10.79 -15.43
CA PHE B 112 4.04 -9.81 -15.30
C PHE B 112 3.83 -9.44 -13.85
N LEU B 113 3.80 -8.13 -13.57
CA LEU B 113 3.65 -7.63 -12.21
C LEU B 113 2.18 -7.63 -11.80
N SER B 114 1.57 -8.82 -11.74
CA SER B 114 0.16 -8.88 -11.39
C SER B 114 -0.09 -8.35 -9.99
N LYS B 115 0.89 -8.45 -9.10
CA LYS B 115 0.69 -8.03 -7.70
C LYS B 115 0.83 -6.54 -7.53
N LEU B 116 0.87 -5.79 -8.62
CA LEU B 116 0.81 -4.34 -8.49
C LEU B 116 -0.59 -3.89 -8.10
N GLY B 117 -1.59 -4.71 -8.42
CA GLY B 117 -2.98 -4.39 -8.22
C GLY B 117 -3.60 -3.71 -9.41
N ASN B 118 -4.92 -3.57 -9.36
CA ASN B 118 -5.66 -2.82 -10.36
C ASN B 118 -5.37 -3.30 -11.79
N VAL B 119 -5.19 -4.62 -11.96
CA VAL B 119 -4.99 -5.18 -13.30
C VAL B 119 -6.27 -5.04 -14.10
N ARG B 120 -6.19 -4.35 -15.22
CA ARG B 120 -7.38 -4.20 -16.04
C ARG B 120 -7.10 -4.73 -17.44
N PRO B 121 -8.10 -5.31 -18.10
CA PRO B 121 -7.93 -5.66 -19.51
C PRO B 121 -8.22 -4.44 -20.40
N LEU B 122 -7.26 -4.07 -21.26
CA LEU B 122 -7.38 -2.89 -22.09
C LEU B 122 -7.01 -3.24 -23.51
N LEU B 123 -7.28 -2.32 -24.42
CA LEU B 123 -7.05 -2.51 -25.85
C LEU B 123 -5.86 -1.68 -26.31
N HIS B 124 -5.02 -2.29 -27.14
CA HIS B 124 -3.94 -1.59 -27.81
C HIS B 124 -4.06 -1.79 -29.32
N GLY B 125 -4.26 -0.69 -30.07
CA GLY B 125 -4.29 -0.76 -31.51
C GLY B 125 -2.94 -0.48 -32.13
N SER B 126 -2.69 -1.06 -33.30
CA SER B 126 -1.47 -0.82 -34.06
C SER B 126 -1.69 -1.24 -35.51
N PRO B 127 -0.99 -0.64 -36.47
CA PRO B 127 -1.08 -1.11 -37.85
C PRO B 127 -0.60 -2.54 -37.98
N VAL B 128 -1.00 -3.19 -39.09
CA VAL B 128 -0.77 -4.62 -39.23
C VAL B 128 0.72 -4.97 -39.34
N GLN B 129 1.53 -4.05 -39.88
CA GLN B 129 2.93 -4.37 -40.09
C GLN B 129 3.72 -4.50 -38.79
N ASN B 130 3.18 -4.03 -37.68
CA ASN B 130 3.86 -4.13 -36.40
C ASN B 130 3.60 -5.43 -35.65
N ILE B 131 2.69 -6.29 -36.11
CA ILE B 131 2.25 -7.38 -35.25
C ILE B 131 3.36 -8.39 -35.01
N VAL B 132 4.12 -8.75 -36.05
CA VAL B 132 5.30 -9.59 -35.83
C VAL B 132 6.20 -8.95 -34.79
N GLY B 133 6.44 -7.64 -34.92
CA GLY B 133 7.29 -6.97 -33.97
C GLY B 133 6.79 -7.14 -32.56
N ILE B 134 5.48 -7.02 -32.39
CA ILE B 134 4.89 -7.13 -31.07
C ILE B 134 4.93 -8.55 -30.55
N LEU B 135 4.73 -9.53 -31.42
CA LEU B 135 4.69 -10.89 -30.88
C LEU B 135 6.08 -11.43 -30.57
N CYS B 136 7.11 -11.01 -31.31
CA CYS B 136 8.45 -11.53 -31.03
C CYS B 136 9.04 -10.88 -29.81
N ARG B 137 8.77 -9.61 -29.61
CA ARG B 137 9.47 -8.91 -28.56
C ARG B 137 8.57 -8.35 -27.49
N GLY B 138 7.26 -8.58 -27.59
CA GLY B 138 6.31 -7.95 -26.69
C GLY B 138 6.21 -6.48 -27.04
N LEU B 139 5.38 -5.77 -26.28
CA LEU B 139 5.28 -4.35 -26.54
C LEU B 139 6.52 -3.69 -25.93
N LEU B 140 7.03 -2.67 -26.61
CA LEU B 140 8.28 -2.04 -26.23
C LEU B 140 8.06 -0.58 -25.85
N LEU B 141 8.92 -0.07 -24.97
CA LEU B 141 8.82 1.36 -24.61
C LEU B 141 9.62 2.13 -25.65
N PRO B 142 9.12 3.28 -26.16
CA PRO B 142 9.81 4.05 -27.18
C PRO B 142 11.14 4.51 -26.61
N LYS B 143 12.10 4.78 -27.50
CA LYS B 143 13.42 5.28 -27.12
C LYS B 143 13.36 6.81 -27.09
N VAL B 144 13.49 7.39 -25.91
CA VAL B 144 13.46 8.85 -25.77
C VAL B 144 14.65 9.47 -26.52
N ASP B 154 7.29 13.79 -30.45
CA ASP B 154 6.27 12.73 -30.68
C ASP B 154 6.22 11.82 -29.46
N VAL B 155 6.15 10.50 -29.67
CA VAL B 155 6.17 9.49 -28.56
C VAL B 155 5.02 9.91 -27.63
N GLY B 156 3.80 10.15 -28.12
CA GLY B 156 2.60 10.31 -27.26
C GLY B 156 2.39 11.57 -26.43
N ASN B 157 1.14 11.79 -25.96
N ASN B 157 1.07 11.74 -26.02
CA ASN B 157 0.83 12.98 -25.14
CA ASN B 157 0.77 12.93 -25.20
C ASN B 157 1.26 12.71 -23.71
C ASN B 157 1.20 12.66 -23.77
N LEU B 158 1.71 11.48 -23.43
CA LEU B 158 2.05 11.16 -22.06
C LEU B 158 3.48 10.65 -21.97
N GLY B 159 4.30 10.94 -22.94
CA GLY B 159 5.68 10.59 -22.80
C GLY B 159 5.94 9.21 -23.38
N SER B 160 7.13 8.71 -23.05
CA SER B 160 7.58 7.42 -23.59
C SER B 160 7.09 6.27 -22.73
N GLY B 161 5.86 5.85 -22.99
CA GLY B 161 5.31 4.73 -22.29
C GLY B 161 4.53 3.92 -23.28
N ILE B 162 3.80 2.92 -22.79
CA ILE B 162 2.95 2.05 -23.60
C ILE B 162 1.50 2.45 -23.36
N TYR B 163 0.78 2.79 -24.41
CA TYR B 163 -0.49 3.47 -24.32
C TYR B 163 -1.62 2.47 -24.60
N PHE B 164 -2.67 2.49 -23.77
CA PHE B 164 -3.83 1.64 -24.00
C PHE B 164 -5.08 2.46 -23.83
N SER B 165 -6.19 1.94 -24.33
CA SER B 165 -7.47 2.48 -23.93
C SER B 165 -8.44 1.36 -23.59
N ASP B 166 -9.53 1.72 -22.90
CA ASP B 166 -10.63 0.81 -22.59
C ASP B 166 -11.81 0.96 -23.56
N SER B 167 -11.59 1.68 -24.68
CA SER B 167 -12.64 2.09 -25.61
C SER B 167 -12.25 1.65 -27.00
N LEU B 168 -13.10 0.84 -27.62
CA LEU B 168 -12.81 0.39 -28.98
C LEU B 168 -12.83 1.55 -29.98
N SER B 169 -13.72 2.53 -29.77
CA SER B 169 -13.69 3.72 -30.63
C SER B 169 -12.33 4.39 -30.57
N THR B 170 -11.64 4.25 -29.42
CA THR B 170 -10.32 4.84 -29.27
C THR B 170 -9.24 3.97 -29.89
N SER B 171 -9.37 2.65 -29.77
CA SER B 171 -8.36 1.75 -30.34
C SER B 171 -8.46 1.65 -31.86
N ILE B 172 -9.62 1.93 -32.45
CA ILE B 172 -9.79 1.90 -33.89
C ILE B 172 -9.05 3.03 -34.60
N LYS B 173 -8.72 4.12 -33.90
CA LYS B 173 -7.95 5.20 -34.52
C LYS B 173 -6.51 4.79 -34.82
N TYR B 174 -6.00 3.76 -34.17
CA TYR B 174 -4.62 3.33 -34.29
C TYR B 174 -4.44 1.99 -35.00
N SER B 175 -5.52 1.25 -35.27
CA SER B 175 -5.43 -0.08 -35.90
C SER B 175 -5.68 0.09 -37.41
N HIS B 176 -4.61 0.53 -38.12
CA HIS B 176 -4.81 0.87 -39.53
C HIS B 176 -4.80 -0.39 -40.39
N PRO B 177 -5.73 -0.51 -41.35
CA PRO B 177 -5.82 -1.75 -42.14
C PRO B 177 -4.58 -1.96 -42.98
N GLY B 178 -4.14 -3.22 -43.02
CA GLY B 178 -2.95 -3.58 -43.76
C GLY B 178 -3.20 -3.66 -45.24
N GLU B 179 -2.13 -3.50 -46.02
CA GLU B 179 -2.30 -3.67 -47.45
C GLU B 179 -2.61 -5.11 -47.83
N THR B 180 -2.23 -6.08 -47.01
CA THR B 180 -2.39 -7.48 -47.42
C THR B 180 -3.86 -7.88 -47.55
N ASP B 181 -4.68 -7.58 -46.54
CA ASP B 181 -6.08 -8.08 -46.59
C ASP B 181 -7.11 -6.99 -46.25
N GLY B 182 -6.66 -5.79 -45.88
CA GLY B 182 -7.57 -4.68 -45.62
C GLY B 182 -8.21 -4.88 -44.26
N THR B 183 -7.71 -5.84 -43.48
CA THR B 183 -8.25 -6.09 -42.15
C THR B 183 -7.46 -5.32 -41.09
N ARG B 184 -8.05 -5.22 -39.90
CA ARG B 184 -7.47 -4.51 -38.79
C ARG B 184 -7.16 -5.50 -37.66
N LEU B 185 -6.10 -5.23 -36.89
CA LEU B 185 -5.74 -6.04 -35.73
C LEU B 185 -5.62 -5.19 -34.47
N LEU B 186 -6.03 -5.73 -33.32
CA LEU B 186 -5.71 -5.13 -32.03
C LEU B 186 -5.50 -6.21 -30.99
N LEU B 187 -4.78 -5.83 -29.93
CA LEU B 187 -4.47 -6.71 -28.80
C LEU B 187 -5.39 -6.44 -27.63
N ILE B 188 -5.64 -7.50 -26.87
CA ILE B 188 -6.22 -7.37 -25.54
C ILE B 188 -5.12 -7.70 -24.53
N CYS B 189 -4.93 -6.82 -23.56
CA CYS B 189 -3.88 -6.93 -22.55
C CYS B 189 -4.43 -6.72 -21.15
N ASP B 190 -3.99 -7.56 -20.22
CA ASP B 190 -4.04 -7.19 -18.82
C ASP B 190 -2.91 -6.19 -18.61
N VAL B 191 -3.21 -5.00 -18.14
CA VAL B 191 -2.15 -4.07 -17.83
C VAL B 191 -2.25 -3.80 -16.34
N ALA B 192 -1.16 -4.04 -15.63
CA ALA B 192 -1.13 -3.87 -14.19
C ALA B 192 -0.98 -2.38 -13.90
N LEU B 193 -2.11 -1.71 -13.75
CA LEU B 193 -2.12 -0.26 -13.55
C LEU B 193 -1.56 0.15 -12.20
N GLY B 194 -1.88 -0.58 -11.13
CA GLY B 194 -1.42 -0.16 -9.81
C GLY B 194 -2.13 1.10 -9.37
N LYS B 195 -1.42 1.96 -8.62
CA LYS B 195 -1.95 3.29 -8.33
C LYS B 195 -1.77 4.18 -9.56
N CYS B 196 -2.87 4.82 -9.99
CA CYS B 196 -3.01 5.36 -11.35
C CYS B 196 -3.38 6.84 -11.13
N MET B 197 -2.50 7.75 -11.55
CA MET B 197 -2.74 9.18 -11.37
C MET B 197 -3.62 9.67 -12.52
N ASP B 198 -4.68 10.40 -12.19
CA ASP B 198 -5.49 11.01 -13.24
C ASP B 198 -4.87 12.34 -13.66
N LEU B 199 -4.64 12.49 -14.96
CA LEU B 199 -4.05 13.70 -15.50
C LEU B 199 -5.01 14.36 -16.48
N HIS B 200 -4.96 15.69 -16.53
CA HIS B 200 -5.77 16.48 -17.44
C HIS B 200 -4.97 17.28 -18.46
N GLU B 201 -3.65 17.28 -18.35
CA GLU B 201 -2.79 18.05 -19.24
C GLU B 201 -1.77 17.12 -19.90
N LYS B 202 -1.40 17.40 -21.15
CA LYS B 202 -0.35 16.61 -21.75
C LYS B 202 0.90 16.76 -20.88
N ASP B 203 1.75 15.72 -20.91
CA ASP B 203 3.05 15.73 -20.20
C ASP B 203 3.96 14.89 -21.08
N PHE B 204 4.80 15.52 -21.91
CA PHE B 204 5.54 14.72 -22.87
C PHE B 204 6.84 14.39 -22.15
N SER B 205 7.13 15.00 -21.02
CA SER B 205 8.42 14.74 -20.39
C SER B 205 8.39 13.51 -19.46
N LEU B 206 7.35 12.66 -19.56
CA LEU B 206 7.21 11.51 -18.69
C LEU B 206 8.01 10.31 -19.24
N THR B 207 9.01 9.85 -18.50
CA THR B 207 9.58 8.55 -18.83
C THR B 207 9.15 7.45 -17.86
N GLU B 208 8.54 7.79 -16.73
CA GLU B 208 8.06 6.81 -15.76
C GLU B 208 6.90 7.43 -14.99
N ALA B 209 6.10 6.59 -14.32
CA ALA B 209 4.95 7.10 -13.60
C ALA B 209 5.38 8.03 -12.47
N PRO B 210 4.55 9.02 -12.10
CA PRO B 210 4.95 10.02 -11.09
C PRO B 210 5.22 9.35 -9.75
N PRO B 211 5.92 10.01 -8.85
CA PRO B 211 6.28 9.35 -7.58
C PRO B 211 5.05 8.86 -6.83
N GLY B 212 5.15 7.66 -6.26
CA GLY B 212 4.05 7.05 -5.55
C GLY B 212 3.01 6.41 -6.43
N TYR B 213 3.17 6.42 -7.76
CA TYR B 213 2.18 5.92 -8.69
C TYR B 213 2.83 4.94 -9.67
N ASP B 214 2.03 4.06 -10.26
CA ASP B 214 2.52 3.03 -11.18
C ASP B 214 2.09 3.22 -12.62
N SER B 215 1.08 4.03 -12.87
CA SER B 215 0.57 4.24 -14.21
C SER B 215 -0.18 5.56 -14.21
N VAL B 216 -0.51 6.03 -15.40
CA VAL B 216 -1.06 7.36 -15.55
C VAL B 216 -2.26 7.26 -16.47
N HIS B 217 -3.29 8.07 -16.23
CA HIS B 217 -4.55 7.98 -16.97
C HIS B 217 -4.96 9.39 -17.38
N GLY B 218 -4.86 9.69 -18.67
CA GLY B 218 -5.38 10.95 -19.20
C GLY B 218 -6.88 10.90 -19.46
N VAL B 219 -7.61 11.88 -18.96
CA VAL B 219 -9.07 11.80 -18.94
C VAL B 219 -9.67 12.47 -20.16
N SER B 220 -10.64 11.79 -20.79
CA SER B 220 -11.26 12.32 -22.01
C SER B 220 -12.15 13.51 -21.69
N GLN B 221 -12.11 14.50 -22.57
CA GLN B 221 -12.85 15.74 -22.37
C GLN B 221 -14.34 15.47 -22.36
N THR B 222 -15.06 16.14 -21.46
CA THR B 222 -16.52 16.17 -21.46
C THR B 222 -16.96 17.64 -21.37
N ALA B 223 -18.27 17.86 -21.45
CA ALA B 223 -18.77 19.23 -21.39
C ALA B 223 -18.47 19.88 -20.06
N SER B 224 -18.51 19.08 -18.98
CA SER B 224 -18.17 19.57 -17.66
C SER B 224 -16.68 19.75 -17.51
N VAL B 225 -15.92 18.75 -17.93
CA VAL B 225 -14.50 18.66 -17.68
C VAL B 225 -13.74 18.86 -18.98
N THR B 226 -13.01 19.96 -19.08
CA THR B 226 -12.18 20.21 -20.24
C THR B 226 -10.74 19.75 -19.98
N THR B 227 -10.21 18.90 -20.88
CA THR B 227 -8.85 18.36 -20.75
C THR B 227 -8.07 18.44 -22.05
N ASP B 228 -6.96 17.71 -22.12
CA ASP B 228 -6.13 17.66 -23.31
C ASP B 228 -6.33 16.40 -24.14
N PHE B 229 -7.30 15.55 -23.79
CA PHE B 229 -7.40 14.21 -24.38
C PHE B 229 -8.79 14.01 -24.97
N GLU B 230 -8.88 13.66 -26.26
CA GLU B 230 -10.22 13.29 -26.74
C GLU B 230 -10.64 11.93 -26.22
N ASP B 231 -9.68 11.03 -25.99
CA ASP B 231 -9.94 9.66 -25.60
C ASP B 231 -9.22 9.33 -24.30
N ASP B 232 -9.73 8.31 -23.60
CA ASP B 232 -9.08 7.83 -22.38
C ASP B 232 -7.83 7.05 -22.73
N GLU B 233 -6.70 7.45 -22.17
CA GLU B 233 -5.43 6.81 -22.47
C GLU B 233 -4.81 6.32 -21.17
N PHE B 234 -4.42 5.06 -21.14
CA PHE B 234 -3.81 4.46 -19.98
C PHE B 234 -2.39 4.12 -20.37
N VAL B 235 -1.45 4.62 -19.58
CA VAL B 235 -0.04 4.53 -19.92
C VAL B 235 0.70 3.91 -18.76
N VAL B 236 1.54 2.93 -19.06
CA VAL B 236 2.49 2.38 -18.10
C VAL B 236 3.86 2.52 -18.71
N TYR B 237 4.90 2.49 -17.89
CA TYR B 237 6.23 2.85 -18.36
C TYR B 237 7.27 1.76 -18.18
N LYS B 238 6.85 0.57 -17.75
CA LYS B 238 7.69 -0.61 -17.65
C LYS B 238 7.02 -1.71 -18.48
N THR B 239 7.80 -2.43 -19.25
CA THR B 239 7.20 -3.44 -20.11
C THR B 239 6.62 -4.59 -19.31
N ASN B 240 7.15 -4.90 -18.11
CA ASN B 240 6.54 -6.05 -17.44
C ASN B 240 5.29 -5.69 -16.67
N GLN B 241 4.63 -4.56 -16.97
CA GLN B 241 3.26 -4.31 -16.54
C GLN B 241 2.25 -4.63 -17.63
N VAL B 242 2.63 -5.45 -18.62
CA VAL B 242 1.77 -5.78 -19.75
C VAL B 242 1.79 -7.29 -19.99
N LYS B 243 0.61 -7.90 -20.13
CA LYS B 243 0.48 -9.32 -20.49
C LYS B 243 -0.52 -9.46 -21.63
N MET B 244 -0.08 -9.96 -22.77
CA MET B 244 -1.00 -10.15 -23.87
C MET B 244 -1.91 -11.33 -23.61
N LYS B 245 -3.17 -11.16 -24.00
CA LYS B 245 -4.16 -12.21 -23.82
C LYS B 245 -4.89 -12.64 -25.08
N TYR B 246 -5.03 -11.76 -26.07
CA TYR B 246 -5.78 -12.08 -27.28
C TYR B 246 -5.35 -11.15 -28.39
N ILE B 247 -5.36 -11.68 -29.60
CA ILE B 247 -5.34 -10.90 -30.84
C ILE B 247 -6.73 -10.95 -31.43
N ILE B 248 -7.23 -9.80 -31.87
CA ILE B 248 -8.56 -9.69 -32.45
C ILE B 248 -8.43 -9.20 -33.89
N LYS B 249 -8.93 -10.00 -34.84
CA LYS B 249 -8.96 -9.67 -36.26
C LYS B 249 -10.35 -9.14 -36.63
N PHE B 250 -10.39 -7.93 -37.20
CA PHE B 250 -11.66 -7.29 -37.48
C PHE B 250 -11.55 -6.35 -38.68
N SER B 251 -12.73 -5.88 -39.11
CA SER B 251 -12.91 -4.99 -40.26
C SER B 251 -14.13 -4.11 -40.03
N MET B 252 -14.03 -2.89 -40.55
CA MET B 252 -15.12 -1.89 -40.40
C MET B 252 -15.81 -1.72 -41.75
N PRO B 253 -16.99 -1.06 -41.81
CA PRO B 253 -17.76 -0.94 -43.06
C PRO B 253 -17.06 -0.19 -44.19
N GLY B 254 -16.69 1.07 -44.00
CA GLY B 254 -16.09 1.77 -45.12
C GLY B 254 -14.67 1.22 -45.10
N ASP B 255 -14.48 -0.02 -45.54
CA ASP B 255 -13.17 -0.63 -45.68
C ASP B 255 -13.36 -1.37 -47.00
N GLN B 256 -12.50 -1.07 -47.95
CA GLN B 256 -12.66 -1.61 -49.29
C GLN B 256 -11.98 -2.97 -49.45
N SER C 2 42.17 -38.11 -1.67
CA SER C 2 40.72 -37.91 -1.41
C SER C 2 40.55 -36.72 -0.47
N GLU C 3 41.45 -36.58 0.50
CA GLU C 3 41.40 -35.41 1.42
C GLU C 3 41.10 -34.09 0.70
N GLN C 4 41.86 -33.78 -0.33
CA GLN C 4 41.53 -32.64 -1.21
C GLN C 4 40.13 -32.88 -1.78
N LEU C 5 39.93 -33.98 -2.51
CA LEU C 5 38.62 -34.23 -3.16
C LEU C 5 37.33 -34.09 -2.33
N GLN C 6 37.33 -34.58 -1.09
CA GLN C 6 36.17 -34.33 -0.20
C GLN C 6 36.16 -32.83 0.13
N ALA C 7 37.30 -32.29 0.55
CA ALA C 7 37.38 -30.85 0.88
C ALA C 7 36.84 -30.02 -0.29
N LEU C 8 37.52 -30.09 -1.43
CA LEU C 8 37.12 -29.24 -2.58
C LEU C 8 35.62 -29.38 -2.79
N LEU C 9 35.08 -30.57 -2.54
CA LEU C 9 33.62 -30.78 -2.70
C LEU C 9 32.90 -29.85 -1.72
N LEU C 10 33.29 -29.85 -0.45
CA LEU C 10 32.68 -28.90 0.52
C LEU C 10 32.98 -27.49 0.05
N GLU C 11 34.24 -27.21 -0.27
CA GLU C 11 34.64 -25.87 -0.76
C GLU C 11 33.61 -25.42 -1.81
N GLU C 12 33.15 -26.35 -2.66
CA GLU C 12 32.21 -25.98 -3.75
C GLU C 12 30.81 -25.78 -3.16
N VAL C 13 30.31 -26.77 -2.42
CA VAL C 13 28.92 -26.69 -1.87
C VAL C 13 28.75 -25.31 -1.23
N MET C 14 29.81 -24.74 -0.67
CA MET C 14 29.75 -23.38 -0.09
C MET C 14 29.07 -22.60 -1.23
N ASN C 15 27.94 -21.96 -0.94
CA ASN C 15 27.16 -21.23 -1.98
C ASN C 15 27.80 -19.94 -1.45
N SER C 16 29.04 -19.63 -1.84
CA SER C 16 29.75 -18.39 -1.42
C SER C 16 30.08 -17.68 -2.74
N SER C 17 29.12 -17.55 -3.64
CA SER C 17 29.33 -16.93 -4.99
C SER C 17 28.80 -15.52 -5.16
N THR C 18 29.64 -14.51 -4.93
CA THR C 18 29.20 -13.10 -5.00
C THR C 18 27.97 -12.97 -4.10
N LEU C 19 27.92 -13.72 -2.99
CA LEU C 19 26.79 -13.69 -2.03
C LEU C 19 26.66 -12.17 -2.01
N SER C 20 25.54 -11.62 -2.50
CA SER C 20 25.27 -10.16 -2.55
C SER C 20 25.40 -9.08 -1.47
N GLN C 21 25.63 -7.82 -1.81
CA GLN C 21 25.76 -6.82 -0.74
C GLN C 21 24.63 -6.96 0.27
N GLU C 22 23.38 -7.06 -0.21
CA GLU C 22 22.24 -7.15 0.70
C GLU C 22 22.30 -8.38 1.57
N VAL C 23 22.90 -9.45 1.06
CA VAL C 23 23.06 -10.63 1.89
C VAL C 23 24.23 -10.44 2.85
N SER C 24 25.33 -9.84 2.39
CA SER C 24 26.42 -9.53 3.31
C SER C 24 25.97 -8.62 4.45
N ASP C 25 25.21 -7.56 4.13
CA ASP C 25 24.72 -6.66 5.19
C ASP C 25 23.87 -7.40 6.21
N LEU C 26 23.03 -8.32 5.73
CA LEU C 26 22.19 -9.08 6.64
C LEU C 26 23.04 -9.96 7.54
N VAL C 27 23.92 -10.76 6.93
CA VAL C 27 24.76 -11.70 7.69
C VAL C 27 25.59 -10.97 8.72
N GLU C 28 26.14 -9.81 8.36
CA GLU C 28 26.80 -8.99 9.37
C GLU C 28 25.84 -8.61 10.49
N MET C 29 24.62 -8.22 10.14
CA MET C 29 23.69 -7.68 11.12
C MET C 29 23.25 -8.74 12.13
N ILE C 30 22.85 -9.91 11.66
CA ILE C 30 22.27 -10.92 12.54
C ILE C 30 23.34 -11.58 13.42
N TRP C 31 24.56 -11.77 12.88
CA TRP C 31 25.64 -12.30 13.70
C TRP C 31 25.97 -11.32 14.82
N ALA C 32 26.17 -10.05 14.45
CA ALA C 32 26.42 -9.04 15.46
C ALA C 32 25.32 -9.07 16.51
N GLU C 33 24.08 -9.18 16.07
CA GLU C 33 22.98 -9.12 17.01
C GLU C 33 23.06 -10.25 18.03
N ALA C 34 23.41 -11.46 17.59
CA ALA C 34 23.40 -12.61 18.47
C ALA C 34 24.62 -12.63 19.36
N LEU C 35 25.77 -12.30 18.80
CA LEU C 35 26.97 -12.15 19.61
C LEU C 35 26.81 -11.02 20.63
N GLY C 36 26.13 -9.94 20.26
CA GLY C 36 25.88 -8.88 21.21
C GLY C 36 24.96 -9.30 22.35
N HIS C 37 24.03 -10.21 22.08
CA HIS C 37 23.18 -10.64 23.19
C HIS C 37 23.94 -11.57 24.11
N LEU C 38 24.86 -12.37 23.58
CA LEU C 38 25.59 -13.30 24.42
C LEU C 38 26.51 -12.54 25.37
N GLU C 39 27.30 -11.62 24.83
CA GLU C 39 28.07 -10.69 25.65
C GLU C 39 27.19 -10.03 26.70
N HIS C 40 25.98 -9.63 26.33
CA HIS C 40 25.13 -8.94 27.30
C HIS C 40 24.68 -9.87 28.40
N MET C 41 24.50 -11.15 28.11
CA MET C 41 24.12 -12.08 29.16
C MET C 41 25.33 -12.61 29.89
N LEU C 42 26.49 -12.02 29.64
CA LEU C 42 27.70 -12.36 30.39
C LEU C 42 28.12 -10.99 30.89
N GLY C 43 27.39 -10.46 31.86
CA GLY C 43 27.77 -9.23 32.55
C GLY C 43 28.13 -7.99 31.76
N SER C 44 27.63 -7.85 30.54
CA SER C 44 27.94 -6.74 29.63
C SER C 44 29.46 -6.63 29.38
N PRO C 56 35.06 -11.36 1.75
CA PRO C 56 34.45 -10.38 2.66
C PRO C 56 33.91 -11.02 3.95
N SER C 57 32.59 -11.16 4.01
CA SER C 57 31.89 -11.81 5.11
C SER C 57 31.68 -13.30 4.88
N LEU C 58 32.52 -13.92 4.05
CA LEU C 58 32.27 -15.29 3.61
C LEU C 58 32.21 -16.29 4.77
N ALA C 59 33.06 -16.11 5.79
CA ALA C 59 33.04 -17.03 6.93
C ALA C 59 31.66 -17.05 7.57
N LYS C 60 31.11 -15.87 7.85
CA LYS C 60 29.85 -15.79 8.58
C LYS C 60 28.67 -16.32 7.78
N TYR C 61 28.69 -16.18 6.44
CA TYR C 61 27.62 -16.75 5.61
C TYR C 61 27.70 -18.28 5.57
N ARG C 62 28.91 -18.81 5.50
CA ARG C 62 29.08 -20.25 5.45
C ARG C 62 28.77 -20.90 6.79
N ALA C 63 28.92 -20.17 7.88
CA ALA C 63 28.62 -20.70 9.19
C ALA C 63 27.11 -20.93 9.38
N LEU C 64 26.28 -20.26 8.60
CA LEU C 64 24.84 -20.47 8.68
C LEU C 64 24.38 -21.75 8.00
N ARG C 65 25.22 -22.38 7.17
CA ARG C 65 24.86 -23.60 6.46
C ARG C 65 23.49 -23.48 5.80
N CYS C 66 23.31 -22.39 5.05
CA CYS C 66 21.97 -22.00 4.65
C CYS C 66 22.07 -21.13 3.40
N LYS C 67 21.20 -21.35 2.43
CA LYS C 67 21.22 -20.59 1.18
C LYS C 67 20.34 -19.35 1.30
N ILE C 68 20.94 -18.18 1.13
CA ILE C 68 20.24 -16.90 1.29
C ILE C 68 20.51 -16.03 0.06
N GLU C 69 19.45 -15.72 -0.70
CA GLU C 69 19.51 -14.83 -1.84
C GLU C 69 18.59 -13.62 -1.64
N HIS C 70 19.02 -12.47 -2.15
CA HIS C 70 18.21 -11.26 -2.13
C HIS C 70 17.17 -11.27 -3.25
N VAL C 71 15.92 -10.93 -2.93
CA VAL C 71 14.88 -10.73 -3.92
C VAL C 71 14.83 -9.26 -4.31
N GLU C 72 15.00 -8.99 -5.60
CA GLU C 72 15.02 -7.60 -6.07
C GLU C 72 13.69 -6.92 -5.79
N GLN C 73 13.76 -5.63 -5.47
CA GLN C 73 12.59 -4.92 -4.98
C GLN C 73 11.57 -4.58 -6.08
N ASN C 74 11.88 -4.81 -7.34
CA ASN C 74 10.97 -4.47 -8.43
C ASN C 74 10.31 -5.67 -9.08
N THR C 75 10.76 -6.87 -8.77
CA THR C 75 10.24 -8.11 -9.34
C THR C 75 8.84 -8.44 -8.82
N GLU C 76 8.16 -9.29 -9.58
CA GLU C 76 6.88 -9.81 -9.13
C GLU C 76 7.02 -10.64 -7.83
N GLU C 77 8.11 -11.39 -7.68
CA GLU C 77 8.28 -12.15 -6.44
C GLU C 77 8.24 -11.26 -5.20
N PHE C 78 8.96 -10.14 -5.22
CA PHE C 78 9.00 -9.24 -4.06
C PHE C 78 7.62 -8.73 -3.72
N LEU C 79 6.93 -8.18 -4.72
CA LEU C 79 5.62 -7.59 -4.49
C LEU C 79 4.64 -8.61 -3.93
N ARG C 80 4.75 -9.87 -4.38
CA ARG C 80 3.86 -10.92 -3.93
C ARG C 80 4.10 -11.29 -2.48
N VAL C 81 5.35 -11.58 -2.13
CA VAL C 81 5.65 -11.94 -0.75
C VAL C 81 5.23 -10.80 0.18
N ARG C 82 5.55 -9.56 -0.19
CA ARG C 82 5.16 -8.42 0.63
C ARG C 82 3.65 -8.35 0.76
N LYS C 83 2.93 -8.62 -0.33
CA LYS C 83 1.48 -8.57 -0.28
C LYS C 83 0.96 -9.68 0.61
N GLU C 84 1.65 -10.83 0.65
CA GLU C 84 1.21 -11.93 1.49
C GLU C 84 1.45 -11.61 2.97
N VAL C 85 2.47 -10.81 3.26
CA VAL C 85 2.75 -10.44 4.65
C VAL C 85 1.71 -9.47 5.18
N LEU C 86 1.44 -8.39 4.45
CA LEU C 86 0.46 -7.36 4.81
C LEU C 86 -0.99 -7.81 4.59
N GLN C 87 -1.22 -9.05 4.20
CA GLN C 87 -2.56 -9.53 3.87
C GLN C 87 -3.49 -9.40 5.08
N ASN C 88 -3.12 -10.00 6.22
CA ASN C 88 -3.91 -9.92 7.43
C ASN C 88 -3.38 -8.87 8.40
N HIS C 89 -2.69 -7.86 7.87
CA HIS C 89 -2.38 -6.65 8.62
C HIS C 89 -3.54 -5.71 8.34
N HIS C 90 -4.38 -5.54 9.33
CA HIS C 90 -5.59 -4.74 9.16
C HIS C 90 -5.25 -3.26 9.17
N SER C 91 -4.42 -2.84 10.13
CA SER C 91 -4.06 -1.43 10.28
C SER C 91 -3.62 -0.81 8.96
N LYS C 92 -4.18 0.36 8.68
CA LYS C 92 -3.81 1.17 7.54
C LYS C 92 -2.57 2.01 7.88
N SER C 93 -1.88 1.66 8.98
CA SER C 93 -0.56 2.21 9.25
C SER C 93 0.42 1.59 8.27
N PRO C 94 1.09 2.37 7.44
CA PRO C 94 2.01 1.80 6.47
C PRO C 94 3.08 0.98 7.18
N VAL C 95 3.47 -0.12 6.56
CA VAL C 95 4.54 -0.96 7.08
C VAL C 95 5.61 -1.00 6.00
N ASP C 96 6.86 -0.87 6.41
CA ASP C 96 7.99 -0.75 5.50
C ASP C 96 8.67 -2.11 5.35
N VAL C 97 8.27 -2.87 4.34
CA VAL C 97 8.98 -4.09 4.01
C VAL C 97 10.25 -3.65 3.27
N LEU C 98 11.37 -3.63 3.99
CA LEU C 98 12.63 -3.15 3.43
C LEU C 98 13.18 -4.15 2.43
N GLN C 99 13.46 -5.36 2.90
CA GLN C 99 14.08 -6.36 2.06
C GLN C 99 13.38 -7.69 2.26
N ILE C 100 13.42 -8.52 1.22
CA ILE C 100 12.89 -9.87 1.23
C ILE C 100 14.02 -10.79 0.80
N PHE C 101 14.25 -11.86 1.55
CA PHE C 101 15.34 -12.78 1.29
C PHE C 101 14.75 -14.17 1.12
N ARG C 102 14.97 -14.77 -0.04
CA ARG C 102 14.67 -16.17 -0.25
C ARG C 102 15.61 -17.01 0.61
N VAL C 103 15.08 -18.05 1.26
CA VAL C 103 15.90 -18.88 2.15
C VAL C 103 15.53 -20.35 1.95
N GLY C 104 16.53 -21.21 1.89
CA GLY C 104 16.25 -22.64 1.77
C GLY C 104 17.37 -23.45 2.38
N ARG C 105 17.09 -24.13 3.47
CA ARG C 105 18.13 -24.94 4.10
C ARG C 105 18.29 -26.27 3.38
N VAL C 106 19.55 -26.66 3.15
CA VAL C 106 19.91 -27.84 2.37
C VAL C 106 19.04 -29.04 2.72
N ASN C 107 18.81 -29.24 4.01
CA ASN C 107 18.20 -30.47 4.50
C ASN C 107 16.76 -30.30 4.97
N GLU C 108 16.23 -29.09 5.02
CA GLU C 108 14.84 -28.91 5.41
C GLU C 108 13.92 -29.28 4.25
N THR C 109 14.32 -28.92 3.04
CA THR C 109 13.47 -29.00 1.86
C THR C 109 13.23 -30.44 1.41
N THR C 110 14.09 -31.37 1.84
CA THR C 110 13.99 -32.76 1.44
C THR C 110 13.27 -33.61 2.48
N GLU C 111 13.47 -33.31 3.76
CA GLU C 111 12.74 -33.99 4.82
C GLU C 111 11.31 -33.50 4.91
N PHE C 112 11.01 -32.35 4.32
CA PHE C 112 9.72 -31.72 4.52
C PHE C 112 8.59 -32.69 4.20
N LEU C 113 7.70 -32.84 5.17
CA LEU C 113 6.55 -33.72 5.09
C LEU C 113 5.38 -33.05 4.39
N SER C 114 5.57 -32.74 3.10
CA SER C 114 4.53 -32.07 2.33
C SER C 114 3.26 -32.91 2.25
N LYS C 115 3.37 -34.21 2.52
CA LYS C 115 2.33 -35.23 2.37
C LYS C 115 1.31 -35.23 3.50
N LEU C 116 1.38 -34.32 4.45
CA LEU C 116 0.36 -34.28 5.49
C LEU C 116 -0.93 -33.67 4.98
N GLY C 117 -0.85 -32.78 4.01
CA GLY C 117 -1.99 -32.01 3.59
C GLY C 117 -2.08 -30.73 4.38
N ASN C 118 -2.98 -29.86 3.94
CA ASN C 118 -3.22 -28.61 4.63
C ASN C 118 -1.93 -27.83 4.86
N VAL C 119 -0.99 -27.90 3.90
CA VAL C 119 0.22 -27.08 3.97
C VAL C 119 -0.16 -25.63 3.75
N ARG C 120 0.13 -24.79 4.74
CA ARG C 120 -0.17 -23.38 4.72
C ARG C 120 1.11 -22.59 4.98
N PRO C 121 1.29 -21.45 4.29
CA PRO C 121 2.39 -20.54 4.65
C PRO C 121 1.99 -19.58 5.75
N LEU C 122 2.81 -19.52 6.79
CA LEU C 122 2.55 -18.75 8.00
C LEU C 122 3.78 -17.94 8.33
N LEU C 123 3.63 -17.06 9.32
CA LEU C 123 4.69 -16.18 9.77
C LEU C 123 5.18 -16.63 11.15
N HIS C 124 6.49 -16.62 11.34
CA HIS C 124 7.13 -16.88 12.61
C HIS C 124 7.91 -15.62 12.98
N GLY C 125 7.52 -14.99 14.08
CA GLY C 125 8.25 -13.84 14.56
C GLY C 125 9.34 -14.32 15.50
N SER C 126 10.40 -13.53 15.61
CA SER C 126 11.52 -13.92 16.45
C SER C 126 12.36 -12.70 16.76
N PRO C 127 12.95 -12.63 17.94
CA PRO C 127 13.95 -11.58 18.17
C PRO C 127 15.11 -11.76 17.21
N VAL C 128 15.82 -10.67 16.96
CA VAL C 128 16.81 -10.72 15.90
C VAL C 128 17.97 -11.64 16.27
N GLN C 129 18.29 -11.74 17.57
CA GLN C 129 19.45 -12.54 17.98
C GLN C 129 19.22 -14.04 17.78
N ASN C 130 17.97 -14.46 17.60
CA ASN C 130 17.67 -15.86 17.32
C ASN C 130 17.76 -16.22 15.84
N ILE C 131 18.01 -15.26 14.95
CA ILE C 131 17.95 -15.59 13.53
C ILE C 131 19.15 -16.44 13.14
N VAL C 132 20.35 -16.06 13.57
CA VAL C 132 21.51 -16.92 13.36
C VAL C 132 21.24 -18.31 13.89
N GLY C 133 20.69 -18.39 15.10
CA GLY C 133 20.43 -19.70 15.66
C GLY C 133 19.47 -20.50 14.80
N ILE C 134 18.38 -19.87 14.36
CA ILE C 134 17.33 -20.61 13.67
C ILE C 134 17.83 -21.13 12.33
N LEU C 135 18.72 -20.39 11.66
CA LEU C 135 19.19 -20.82 10.36
C LEU C 135 20.18 -21.98 10.45
N CYS C 136 20.83 -22.15 11.60
CA CYS C 136 21.86 -23.21 11.74
C CYS C 136 21.29 -24.49 12.33
N ARG C 137 20.36 -24.37 13.30
CA ARG C 137 19.83 -25.56 13.98
C ARG C 137 18.31 -25.64 13.95
N GLY C 138 17.64 -24.83 13.13
CA GLY C 138 16.19 -24.89 13.05
C GLY C 138 15.43 -24.19 14.15
N LEU C 139 14.11 -24.41 14.09
CA LEU C 139 13.18 -23.61 14.88
C LEU C 139 13.01 -24.02 16.33
N LEU C 140 12.81 -25.33 16.60
CA LEU C 140 12.41 -25.76 17.94
C LEU C 140 13.38 -25.22 19.00
N LEU C 141 12.82 -24.66 20.08
CA LEU C 141 13.60 -24.13 21.20
C LEU C 141 14.27 -25.26 21.99
N PRO C 142 15.53 -25.10 22.37
CA PRO C 142 16.29 -26.21 22.99
C PRO C 142 15.84 -26.60 24.39
N LYS C 143 16.13 -27.87 24.73
CA LYS C 143 15.88 -28.41 26.06
C LYS C 143 17.27 -28.22 26.68
N VAL C 144 17.51 -26.99 27.14
CA VAL C 144 18.82 -26.70 27.79
C VAL C 144 18.38 -26.95 29.24
N VAL C 145 17.13 -26.59 29.54
CA VAL C 145 16.59 -26.77 30.92
C VAL C 145 16.54 -28.27 31.24
N VAL C 150 9.19 -30.39 34.79
CA VAL C 150 8.06 -30.78 33.90
C VAL C 150 7.27 -29.55 33.45
N GLN C 151 6.37 -29.72 32.47
CA GLN C 151 5.55 -28.63 31.96
C GLN C 151 6.24 -27.27 31.83
N ARG C 152 7.48 -27.31 31.32
CA ARG C 152 8.42 -26.20 31.36
C ARG C 152 7.86 -24.85 30.93
N THR C 153 8.26 -23.78 31.64
CA THR C 153 7.69 -22.44 31.49
C THR C 153 8.35 -21.60 30.39
N ASP C 154 9.25 -22.20 29.59
CA ASP C 154 9.87 -21.53 28.44
C ASP C 154 9.06 -21.73 27.18
N VAL C 155 8.07 -22.61 27.23
CA VAL C 155 7.23 -22.93 26.09
C VAL C 155 6.01 -22.01 26.13
N GLY C 156 5.33 -21.93 25.00
CA GLY C 156 4.16 -21.09 24.87
C GLY C 156 2.91 -21.69 25.47
N ASN C 157 1.77 -21.07 25.14
CA ASN C 157 0.49 -21.52 25.77
C ASN C 157 0.08 -22.89 25.25
N LEU C 158 0.91 -23.53 24.41
CA LEU C 158 0.43 -24.83 23.82
C LEU C 158 1.42 -25.96 24.11
N GLY C 159 2.63 -25.66 24.58
CA GLY C 159 3.58 -26.68 24.98
C GLY C 159 4.84 -26.40 24.19
N SER C 160 5.75 -27.38 24.19
CA SER C 160 7.07 -27.26 23.57
C SER C 160 6.97 -27.53 22.08
N GLY C 161 6.59 -26.50 21.34
CA GLY C 161 6.43 -26.58 19.90
C GLY C 161 6.84 -25.33 19.16
N ILE C 162 6.56 -25.28 17.86
CA ILE C 162 6.91 -24.14 16.99
C ILE C 162 5.65 -23.34 16.68
N TYR C 163 5.70 -22.03 16.92
CA TYR C 163 4.51 -21.18 16.87
C TYR C 163 4.49 -20.33 15.61
N PHE C 164 3.35 -20.31 14.92
CA PHE C 164 3.12 -19.50 13.75
C PHE C 164 1.78 -18.77 13.86
N SER C 165 1.62 -17.67 13.11
CA SER C 165 0.29 -17.09 12.98
C SER C 165 0.07 -16.68 11.53
N ASP C 166 -1.18 -16.39 11.22
CA ASP C 166 -1.60 -15.92 9.91
C ASP C 166 -1.75 -14.41 9.83
N SER C 167 -1.28 -13.69 10.86
CA SER C 167 -1.53 -12.26 10.98
C SER C 167 -0.22 -11.58 11.38
N LEU C 168 0.23 -10.61 10.57
CA LEU C 168 1.44 -9.86 10.89
C LEU C 168 1.30 -9.10 12.19
N SER C 169 0.08 -8.65 12.50
CA SER C 169 -0.13 -7.92 13.73
C SER C 169 0.28 -8.72 14.95
N THR C 170 0.09 -10.04 14.92
CA THR C 170 0.47 -10.87 16.05
C THR C 170 1.94 -11.28 16.00
N SER C 171 2.54 -11.41 14.82
CA SER C 171 3.95 -11.79 14.78
C SER C 171 4.87 -10.70 15.28
N ILE C 172 4.45 -9.43 15.19
CA ILE C 172 5.27 -8.36 15.73
C ILE C 172 5.35 -8.38 17.25
N LYS C 173 4.49 -9.14 17.94
CA LYS C 173 4.69 -9.28 19.39
C LYS C 173 5.97 -10.03 19.69
N TYR C 174 6.50 -10.78 18.74
CA TYR C 174 7.73 -11.51 18.96
C TYR C 174 8.91 -10.96 18.16
N SER C 175 8.67 -10.11 17.15
CA SER C 175 9.74 -9.56 16.30
C SER C 175 10.10 -8.14 16.71
N HIS C 176 10.84 -8.01 17.76
CA HIS C 176 11.25 -6.72 18.26
C HIS C 176 12.48 -6.21 17.51
N PRO C 177 12.59 -4.89 17.33
CA PRO C 177 13.72 -4.32 16.56
C PRO C 177 15.06 -4.66 17.18
N GLY C 178 16.03 -4.98 16.33
CA GLY C 178 17.34 -5.32 16.81
C GLY C 178 18.11 -4.09 17.26
N GLU C 179 19.06 -4.33 18.18
CA GLU C 179 19.92 -3.25 18.64
C GLU C 179 20.91 -2.79 17.58
N THR C 180 21.23 -3.63 16.60
CA THR C 180 22.22 -3.22 15.61
C THR C 180 21.69 -2.14 14.70
N ASP C 181 20.53 -2.35 14.11
CA ASP C 181 20.01 -1.38 13.15
C ASP C 181 18.55 -0.97 13.38
N GLY C 182 17.89 -1.54 14.39
CA GLY C 182 16.53 -1.11 14.73
C GLY C 182 15.53 -1.74 13.79
N THR C 183 15.99 -2.69 12.99
CA THR C 183 15.05 -3.31 12.09
C THR C 183 14.49 -4.58 12.70
N ARG C 184 13.40 -5.07 12.14
CA ARG C 184 12.71 -6.27 12.61
C ARG C 184 12.82 -7.34 11.55
N LEU C 185 12.95 -8.59 11.98
CA LEU C 185 13.05 -9.70 11.04
C LEU C 185 11.90 -10.64 11.32
N LEU C 186 11.36 -11.24 10.27
CA LEU C 186 10.48 -12.37 10.50
C LEU C 186 10.67 -13.36 9.37
N LEU C 187 10.32 -14.61 9.66
CA LEU C 187 10.44 -15.71 8.72
C LEU C 187 9.06 -16.03 8.16
N ILE C 188 9.03 -16.39 6.88
CA ILE C 188 7.86 -17.01 6.27
C ILE C 188 8.22 -18.47 6.03
N CYS C 189 7.35 -19.37 6.49
CA CYS C 189 7.59 -20.80 6.38
C CYS C 189 6.36 -21.49 5.80
N ASP C 190 6.61 -22.46 4.93
CA ASP C 190 5.58 -23.46 4.66
C ASP C 190 5.50 -24.41 5.85
N VAL C 191 4.31 -24.56 6.41
CA VAL C 191 4.07 -25.42 7.55
C VAL C 191 3.10 -26.51 7.13
N ALA C 192 3.51 -27.76 7.27
CA ALA C 192 2.62 -28.88 6.97
C ALA C 192 1.70 -29.06 8.18
N LEU C 193 0.55 -28.38 8.17
CA LEU C 193 -0.36 -28.44 9.31
C LEU C 193 -1.04 -29.79 9.42
N GLY C 194 -1.56 -30.31 8.32
CA GLY C 194 -2.32 -31.54 8.43
C GLY C 194 -3.64 -31.33 9.15
N LYS C 195 -4.03 -32.33 9.95
CA LYS C 195 -5.23 -32.23 10.76
C LYS C 195 -5.00 -31.31 11.95
N CYS C 196 -5.91 -30.37 12.16
CA CYS C 196 -5.67 -29.21 13.01
C CYS C 196 -6.77 -29.30 14.06
N MET C 197 -6.35 -29.54 15.30
CA MET C 197 -7.28 -29.58 16.42
C MET C 197 -7.37 -28.12 16.85
N ASP C 198 -8.58 -27.60 16.95
CA ASP C 198 -8.77 -26.28 17.50
C ASP C 198 -8.87 -26.38 19.01
N LEU C 199 -8.15 -25.50 19.71
CA LEU C 199 -8.18 -25.42 21.16
C LEU C 199 -8.65 -24.05 21.59
N HIS C 200 -9.31 -24.00 22.75
CA HIS C 200 -9.77 -22.73 23.31
C HIS C 200 -9.13 -22.36 24.64
N GLU C 201 -8.45 -23.29 25.32
CA GLU C 201 -7.72 -22.94 26.53
C GLU C 201 -6.31 -23.50 26.45
N LYS C 202 -5.36 -22.78 27.04
CA LYS C 202 -3.95 -23.17 27.00
C LYS C 202 -3.74 -24.55 27.60
N ASP C 203 -2.69 -25.24 27.16
CA ASP C 203 -2.27 -26.52 27.76
C ASP C 203 -0.76 -26.41 27.49
N PHE C 204 0.01 -26.36 28.58
CA PHE C 204 1.45 -26.16 28.53
C PHE C 204 2.10 -27.54 28.46
N SER C 205 1.36 -28.63 28.64
CA SER C 205 1.96 -29.95 28.75
C SER C 205 2.06 -30.69 27.42
N LEU C 206 1.76 -30.04 26.30
CA LEU C 206 1.77 -30.75 25.03
C LEU C 206 3.20 -30.89 24.53
N THR C 207 3.66 -32.11 24.40
CA THR C 207 4.91 -32.36 23.71
C THR C 207 4.67 -32.77 22.26
N GLU C 208 3.41 -33.06 21.93
CA GLU C 208 3.07 -33.51 20.59
C GLU C 208 1.61 -33.12 20.33
N ALA C 209 1.22 -33.21 19.06
CA ALA C 209 -0.17 -32.95 18.70
C ALA C 209 -1.06 -34.05 19.28
N PRO C 210 -2.28 -33.71 19.68
CA PRO C 210 -3.19 -34.71 20.27
C PRO C 210 -3.42 -35.88 19.33
N PRO C 211 -3.87 -37.01 19.85
CA PRO C 211 -3.97 -38.22 19.03
C PRO C 211 -4.89 -38.05 17.83
N GLY C 212 -4.44 -38.57 16.68
CA GLY C 212 -5.16 -38.43 15.44
C GLY C 212 -4.93 -37.12 14.74
N TYR C 213 -4.05 -36.28 15.27
CA TYR C 213 -3.81 -34.93 14.77
C TYR C 213 -2.33 -34.70 14.53
N ASP C 214 -2.05 -33.69 13.71
CA ASP C 214 -0.70 -33.27 13.41
C ASP C 214 -0.33 -31.91 13.98
N SER C 215 -1.33 -31.10 14.33
CA SER C 215 -1.07 -29.74 14.78
C SER C 215 -2.30 -29.15 15.44
N VAL C 216 -2.06 -28.07 16.20
CA VAL C 216 -3.09 -27.41 16.99
C VAL C 216 -3.21 -25.96 16.64
N HIS C 217 -4.41 -25.42 16.81
CA HIS C 217 -4.74 -24.06 16.44
C HIS C 217 -5.39 -23.41 17.67
N GLY C 218 -4.69 -22.48 18.30
CA GLY C 218 -5.29 -21.74 19.39
C GLY C 218 -6.21 -20.71 18.78
N VAL C 219 -7.44 -20.68 19.25
CA VAL C 219 -8.49 -19.92 18.59
C VAL C 219 -8.57 -18.53 19.21
N SER C 220 -8.60 -17.51 18.38
CA SER C 220 -8.62 -16.14 18.88
C SER C 220 -9.96 -15.84 19.53
N GLN C 221 -9.92 -15.08 20.63
CA GLN C 221 -11.14 -14.73 21.34
C GLN C 221 -12.05 -13.86 20.47
N THR C 222 -13.36 -14.11 20.55
CA THR C 222 -14.38 -13.20 20.03
C THR C 222 -15.52 -13.10 21.04
N ALA C 223 -16.38 -12.10 20.85
CA ALA C 223 -17.55 -11.93 21.72
C ALA C 223 -18.43 -13.16 21.83
N SER C 224 -18.50 -13.95 20.76
CA SER C 224 -19.34 -15.14 20.77
C SER C 224 -18.73 -16.25 21.61
N VAL C 225 -17.49 -16.63 21.30
CA VAL C 225 -16.82 -17.75 21.96
C VAL C 225 -15.62 -17.18 22.70
N THR C 226 -15.67 -17.21 24.02
CA THR C 226 -14.59 -16.66 24.83
C THR C 226 -13.54 -17.73 25.11
N THR C 227 -12.27 -17.39 24.86
CA THR C 227 -11.16 -18.33 24.99
C THR C 227 -10.00 -17.73 25.78
N ASP C 228 -8.83 -18.39 25.77
CA ASP C 228 -7.63 -17.94 26.46
C ASP C 228 -6.57 -17.33 25.54
N PHE C 229 -6.88 -17.12 24.26
CA PHE C 229 -5.91 -16.68 23.25
C PHE C 229 -6.36 -15.35 22.66
N GLU C 230 -5.49 -14.34 22.71
CA GLU C 230 -5.83 -13.08 22.07
C GLU C 230 -5.77 -13.18 20.56
N ASP C 231 -4.81 -13.94 20.03
CA ASP C 231 -4.65 -14.07 18.59
C ASP C 231 -4.59 -15.52 18.18
N ASP C 232 -4.85 -15.75 16.91
CA ASP C 232 -4.79 -17.10 16.38
C ASP C 232 -3.36 -17.55 16.29
N GLU C 233 -3.06 -18.69 16.90
CA GLU C 233 -1.74 -19.31 16.95
C GLU C 233 -1.81 -20.72 16.40
N PHE C 234 -0.81 -21.09 15.59
CA PHE C 234 -0.68 -22.42 15.00
C PHE C 234 0.60 -23.07 15.50
N VAL C 235 0.50 -24.31 15.99
CA VAL C 235 1.63 -25.00 16.59
C VAL C 235 1.81 -26.36 15.95
N VAL C 236 3.06 -26.71 15.62
CA VAL C 236 3.43 -28.07 15.25
C VAL C 236 4.54 -28.51 16.20
N TYR C 237 4.76 -29.81 16.27
CA TYR C 237 5.65 -30.35 17.28
C TYR C 237 6.83 -31.13 16.71
N LYS C 238 6.98 -31.18 15.39
CA LYS C 238 8.11 -31.80 14.72
C LYS C 238 8.80 -30.82 13.75
N THR C 239 10.14 -30.87 13.74
CA THR C 239 10.93 -29.90 12.98
C THR C 239 10.73 -30.05 11.46
N ASN C 240 10.44 -31.26 10.97
CA ASN C 240 10.24 -31.47 9.54
C ASN C 240 8.79 -31.27 9.10
N GLN C 241 7.97 -30.59 9.88
CA GLN C 241 6.72 -30.05 9.37
C GLN C 241 6.83 -28.57 9.04
N VAL C 242 8.05 -28.05 8.96
CA VAL C 242 8.27 -26.65 8.61
C VAL C 242 9.45 -26.57 7.63
N LYS C 243 9.25 -25.84 6.53
CA LYS C 243 10.29 -25.57 5.56
C LYS C 243 10.37 -24.06 5.47
N MET C 244 11.51 -23.50 5.80
CA MET C 244 11.62 -22.05 5.76
C MET C 244 11.67 -21.60 4.32
N LYS C 245 11.01 -20.49 4.03
CA LYS C 245 10.93 -19.98 2.67
C LYS C 245 11.37 -18.56 2.39
N TYR C 246 11.33 -17.69 3.42
CA TYR C 246 11.64 -16.25 3.19
C TYR C 246 11.98 -15.52 4.50
N ILE C 247 12.92 -14.57 4.43
CA ILE C 247 13.24 -13.71 5.57
C ILE C 247 12.72 -12.36 5.12
N ILE C 248 12.01 -11.66 6.00
CA ILE C 248 11.47 -10.34 5.73
C ILE C 248 12.10 -9.35 6.69
N LYS C 249 12.75 -8.35 6.14
CA LYS C 249 13.28 -7.26 6.95
C LYS C 249 12.31 -6.09 6.80
N PHE C 250 11.81 -5.60 7.93
CA PHE C 250 10.76 -4.60 7.90
C PHE C 250 10.80 -3.73 9.14
N SER C 251 10.16 -2.56 8.99
CA SER C 251 10.13 -1.53 10.01
C SER C 251 8.72 -1.00 10.13
N MET C 252 8.28 -0.76 11.34
CA MET C 252 6.91 -0.35 11.64
C MET C 252 6.86 1.13 11.95
N PRO C 253 5.67 1.73 11.88
CA PRO C 253 5.55 3.17 12.19
C PRO C 253 6.19 3.52 13.51
N GLY C 254 7.21 4.39 13.52
CA GLY C 254 7.83 4.71 14.79
C GLY C 254 9.11 4.01 15.23
N ASP C 255 9.88 3.35 14.36
CA ASP C 255 10.93 2.41 14.85
C ASP C 255 12.31 2.90 15.30
N GLN C 256 13.04 3.73 14.55
CA GLN C 256 14.47 4.01 14.82
C GLN C 256 14.41 5.47 15.27
C1 GOL D . 1.48 19.07 -7.84
O1 GOL D . 2.53 19.89 -7.33
C2 GOL D . 1.92 18.32 -9.09
O2 GOL D . 0.85 17.50 -9.55
C3 GOL D . 2.36 19.24 -10.20
O3 GOL D . 3.78 19.44 -10.17
C01 UHB E . -0.14 19.60 10.27
C02 UHB E . 0.63 19.98 9.18
C03 UHB E . 0.72 21.31 8.79
C04 UHB E . 0.04 22.31 9.48
C05 UHB E . -0.74 21.93 10.57
C06 UHB E . -0.82 20.61 10.94
C07 UHB E . -1.70 20.52 12.12
C08 UHB E . -1.57 22.78 11.49
N09 UHB E . -2.25 21.75 12.25
O10 UHB E . -1.92 19.55 12.85
N11 UHB E . 0.13 23.66 9.07
C12 UHB E . 1.11 24.21 8.31
O13 UHB E . 2.30 24.02 8.50
C14 UHB E . 0.62 25.09 7.18
N15 UHB E . -0.26 26.16 7.63
C16 UHB E . 0.48 27.16 8.40
C17 UHB E . -0.47 28.10 9.11
N18 UHB E . -1.64 28.34 8.26
C19 UHB E . -1.33 28.23 6.84
C20 UHB E . -0.92 26.81 6.50
C21 UHB E . -2.86 28.65 8.71
C22 UHB E . -3.04 28.86 10.18
C23 UHB E . -3.27 27.56 10.96
C24 UHB E . -4.62 27.70 11.67
C25 UHB E . -4.89 29.20 11.56
O26 UHB E . -4.21 29.65 10.40
O27 UHB E . -3.81 28.77 7.95
O28 UHB E . -2.22 27.37 11.89
O29 UHB E . -4.57 27.28 13.01
N30 UHB E . -6.31 29.52 11.41
C31 UHB E . -8.33 30.32 11.69
C32 UHB E . -7.07 30.32 12.24
C33 UHB E . -7.14 29.09 10.43
N34 UHB E . -8.37 29.55 10.54
N35 UHB E . -8.94 31.73 13.48
C36 UHB E . -7.68 31.63 13.89
N37 UHB E . -6.67 30.95 13.35
C38 UHB E . -9.32 31.08 12.36
N39 UHB E . -10.57 31.18 11.95
C1 GOL F . -12.90 -2.32 -23.68
O1 GOL F . -12.95 -0.95 -23.29
C2 GOL F . -11.75 -3.04 -23.04
O2 GOL F . -11.92 -3.05 -21.63
C3 GOL F . -11.58 -4.46 -23.54
O3 GOL F . -12.38 -5.37 -22.80
C01 UHB G . -4.31 4.94 -27.66
C02 UHB G . -3.65 6.13 -27.37
C03 UHB G . -2.31 6.33 -27.73
C04 UHB G . -1.60 5.35 -28.39
C05 UHB G . -2.26 4.15 -28.68
C06 UHB G . -3.57 3.97 -28.33
C07 UHB G . -3.99 2.62 -28.76
C08 UHB G . -1.75 2.92 -29.38
N09 UHB G . -2.82 1.99 -29.08
O10 UHB G . -5.11 2.15 -28.83
N11 UHB G . -0.25 5.53 -28.75
C12 UHB G . 0.44 6.70 -28.70
O13 UHB G . 0.02 7.75 -29.14
C14 UHB G . 1.79 6.60 -28.02
N15 UHB G . 2.92 7.02 -28.83
C16 UHB G . 4.18 6.49 -28.28
C17 UHB G . 4.99 5.72 -29.31
N18 UHB G . 4.19 4.66 -29.91
C19 UHB G . 2.89 5.13 -30.41
C20 UHB G . 2.79 6.63 -30.24
C21 UHB G . 4.59 3.40 -30.00
C22 UHB G . 4.22 2.59 -31.20
C23 UHB G . 2.79 2.01 -31.11
C24 UHB G . 2.95 0.50 -30.86
C25 UHB G . 4.29 0.26 -31.54
O26 UHB G . 5.06 1.45 -31.32
O27 UHB G . 5.26 2.87 -29.11
O28 UHB G . 1.66 2.72 -31.61
O29 UHB G . 1.92 -0.27 -31.44
N30 UHB G . 5.02 -0.88 -31.00
C31 UHB G . 6.09 -2.78 -30.77
C32 UHB G . 5.49 -1.97 -31.70
C33 UHB G . 5.35 -1.10 -29.70
N34 UHB G . 5.99 -2.21 -29.51
N35 UHB G . 6.59 -4.25 -32.54
C36 UHB G . 5.98 -3.37 -33.33
N37 UHB G . 5.39 -2.21 -33.02
C38 UHB G . 6.66 -3.98 -31.22
N39 UHB G . 7.28 -4.85 -30.41
#